data_5JDI
#
_entry.id   5JDI
#
_cell.length_a   74.880
_cell.length_b   90.840
_cell.length_c   82.900
_cell.angle_alpha   90.00
_cell.angle_beta   115.70
_cell.angle_gamma   90.00
#
_symmetry.space_group_name_H-M   'P 1 21 1'
#
loop_
_entity.id
_entity.type
_entity.pdbx_description
1 polymer 'Pteridine reductase'
2 polymer 'Pteridine reductase'
3 non-polymer 'NADP NICOTINAMIDE-ADENINE-DINUCLEOTIDE PHOSPHATE'
4 non-polymer 'ACETATE ION'
5 non-polymer 3,6-dihydroxy-2-(3-hydroxyphenyl)-4H-1-benzopyran-4-one
6 water water
#
loop_
_entity_poly.entity_id
_entity_poly.type
_entity_poly.pdbx_seq_one_letter_code
_entity_poly.pdbx_strand_id
1 'polypeptide(L)'
;MGSSHHHHHHSSGLVPRGSHMEAPAAVVTGAAKRIGRAIAVKLHQTGYRVVIHYHNSAEAAVSLADELNKERSNTAVVCQ
ADLTNSNVLPASCEEIINSCFRAFGRCDVLVNNASAFYPTPLVQGDHEDNSNGKTVETQVAELIGTNAIAPFLLTMSFAQ
RQKGTNPNCTSSNLSIVNLCDAMVDQPCMAFSLYNMGKHALVGLTQSAALELAPYGIRVNGVAPGVSLLPVAMGEEEKDK
WRRKVPLGRREASAEQIADAVIFLVSGSAQYITGSIIKVDGGLSLVHA
;
A,B,D
2 'polypeptide(L)'
;MGSSHHHHHHSSGLVPRGSHMEAPAAVVTGAAKRIGRAIAVKLHQTGYRVVIHYHNSAEAAVSLADELNKERSNTAVVCQ
ADLTNSNVLPASCEEIINSCFRAFGRCDVLVNNASAFYPTPLVQGDHEDNSNGKTVETQVAELIGTNAIAPFLLTMSFAQ
RQKGTNPNCTSSNLSIVNLCDAMVDQP(CSX)MAFSLYNMGKHALVGLTQSAALELAPYGIRVNGVAPGVSLLPVAMGEE
EKDKWRRKVPLGRREASAEQIADAVIFLVSGSAQYITGSIIKVDGGLSLVHA
;
C
#
loop_
_chem_comp.id
_chem_comp.type
_chem_comp.name
_chem_comp.formula
6JO non-polymer 3,6-dihydroxy-2-(3-hydroxyphenyl)-4H-1-benzopyran-4-one 'C15 H10 O5'
ACT non-polymer 'ACETATE ION' 'C2 H3 O2 -1'
NAP non-polymer 'NADP NICOTINAMIDE-ADENINE-DINUCLEOTIDE PHOSPHATE' 'C21 H28 N7 O17 P3'
#
# COMPACT_ATOMS: atom_id res chain seq x y z
N GLU A 22 7.46 20.87 -34.96
CA GLU A 22 8.26 19.58 -34.82
C GLU A 22 7.53 18.55 -33.92
N ALA A 23 7.37 17.33 -34.41
CA ALA A 23 6.64 16.36 -33.67
C ALA A 23 7.56 15.76 -32.59
N PRO A 24 6.98 15.47 -31.43
CA PRO A 24 7.77 14.81 -30.40
C PRO A 24 8.04 13.38 -30.80
N ALA A 25 8.97 12.81 -30.01
CA ALA A 25 9.47 11.45 -30.29
C ALA A 25 9.47 10.57 -29.04
N ALA A 26 9.17 9.31 -29.25
CA ALA A 26 9.10 8.33 -28.16
C ALA A 26 9.91 7.09 -28.50
N VAL A 27 10.47 6.53 -27.41
CA VAL A 27 11.06 5.18 -27.44
C VAL A 27 10.09 4.20 -26.76
N VAL A 28 9.71 3.13 -27.37
CA VAL A 28 8.93 2.06 -26.72
C VAL A 28 9.71 0.76 -26.77
N THR A 29 10.09 0.24 -25.61
CA THR A 29 10.81 -1.06 -25.58
C THR A 29 9.87 -2.24 -25.81
N GLY A 30 10.38 -3.27 -26.44
CA GLY A 30 9.58 -4.43 -26.72
C GLY A 30 8.31 -4.10 -27.50
N ALA A 31 8.45 -3.32 -28.55
CA ALA A 31 7.31 -2.73 -29.24
C ALA A 31 6.87 -3.49 -30.46
N ALA A 32 7.45 -4.66 -30.80
CA ALA A 32 7.01 -5.26 -32.05
C ALA A 32 5.65 -5.88 -32.02
N LYS A 33 5.17 -6.31 -30.87
CA LYS A 33 3.94 -7.06 -30.77
CA LYS A 33 3.98 -7.12 -30.73
C LYS A 33 3.19 -6.67 -29.50
N ARG A 34 1.96 -7.07 -29.42
CA ARG A 34 1.22 -7.11 -28.17
C ARG A 34 1.07 -5.75 -27.56
N ILE A 35 1.36 -5.57 -26.28
CA ILE A 35 1.09 -4.28 -25.65
C ILE A 35 2.03 -3.19 -26.15
N GLY A 36 3.27 -3.55 -26.33
CA GLY A 36 4.23 -2.60 -26.79
C GLY A 36 3.88 -2.01 -28.20
N ARG A 37 3.39 -2.89 -29.08
CA ARG A 37 2.96 -2.48 -30.40
C ARG A 37 1.76 -1.55 -30.24
N ALA A 38 0.81 -1.90 -29.36
CA ALA A 38 -0.36 -1.02 -29.14
C ALA A 38 0.03 0.35 -28.65
N ILE A 39 1.01 0.40 -27.75
CA ILE A 39 1.47 1.68 -27.28
C ILE A 39 2.13 2.48 -28.39
N ALA A 40 3.02 1.84 -29.16
CA ALA A 40 3.67 2.54 -30.28
C ALA A 40 2.63 3.07 -31.28
N VAL A 41 1.67 2.26 -31.60
CA VAL A 41 0.62 2.69 -32.52
C VAL A 41 -0.15 3.85 -32.01
N LYS A 42 -0.56 3.79 -30.75
CA LYS A 42 -1.36 4.88 -30.22
C LYS A 42 -0.52 6.12 -30.03
N LEU A 43 0.76 6.05 -29.67
CA LEU A 43 1.62 7.22 -29.60
C LEU A 43 1.73 7.83 -31.06
N HIS A 44 1.92 6.97 -32.05
CA HIS A 44 2.04 7.44 -33.43
C HIS A 44 0.73 8.18 -33.87
N GLN A 45 -0.40 7.55 -33.51
CA GLN A 45 -1.70 8.16 -33.84
C GLN A 45 -1.89 9.51 -33.15
N THR A 46 -1.29 9.75 -32.00
CA THR A 46 -1.32 11.00 -31.24
C THR A 46 -0.37 11.99 -31.76
N GLY A 47 0.51 11.60 -32.71
CA GLY A 47 1.45 12.54 -33.26
C GLY A 47 2.94 12.36 -33.03
N TYR A 48 3.30 11.32 -32.28
CA TYR A 48 4.70 11.02 -31.99
C TYR A 48 5.33 10.29 -33.18
N ARG A 49 6.59 10.54 -33.26
CA ARG A 49 7.56 9.71 -34.00
C ARG A 49 8.08 8.71 -32.98
N VAL A 50 8.23 7.50 -33.49
CA VAL A 50 8.51 6.37 -32.56
CA VAL A 50 8.49 6.36 -32.58
C VAL A 50 9.74 5.52 -32.93
N VAL A 51 10.49 5.13 -31.89
CA VAL A 51 11.53 4.09 -31.99
C VAL A 51 10.91 2.79 -31.50
N ILE A 52 10.81 1.81 -32.37
CA ILE A 52 10.30 0.52 -32.07
CA ILE A 52 10.29 0.51 -32.08
C ILE A 52 11.46 -0.38 -31.70
N HIS A 53 11.72 -0.52 -30.38
CA HIS A 53 12.74 -1.44 -29.91
C HIS A 53 12.23 -2.83 -30.01
N TYR A 54 13.12 -3.75 -30.38
CA TYR A 54 12.82 -5.18 -30.49
C TYR A 54 14.08 -6.03 -30.23
N HIS A 55 13.91 -7.22 -29.65
CA HIS A 55 15.04 -8.11 -29.34
C HIS A 55 15.03 -9.19 -30.45
N ASN A 56 14.15 -10.13 -30.42
CA ASN A 56 14.14 -11.17 -31.42
C ASN A 56 13.10 -11.00 -32.55
N SER A 57 12.09 -10.13 -32.35
CA SER A 57 10.90 -10.11 -33.31
C SER A 57 11.18 -9.09 -34.44
N ALA A 58 12.25 -9.36 -35.20
CA ALA A 58 12.67 -8.45 -36.23
C ALA A 58 11.62 -8.28 -37.34
N GLU A 59 10.99 -9.38 -37.75
CA GLU A 59 10.03 -9.27 -38.87
C GLU A 59 8.78 -8.47 -38.37
N ALA A 60 8.33 -8.69 -37.18
CA ALA A 60 7.21 -7.94 -36.65
C ALA A 60 7.56 -6.47 -36.44
N ALA A 61 8.78 -6.13 -35.99
CA ALA A 61 9.18 -4.77 -35.79
C ALA A 61 9.20 -3.99 -37.12
N VAL A 62 9.84 -4.58 -38.13
CA VAL A 62 9.91 -3.95 -39.44
C VAL A 62 8.54 -3.80 -40.05
N SER A 63 7.65 -4.81 -39.96
CA SER A 63 6.30 -4.74 -40.49
C SER A 63 5.55 -3.56 -39.83
N LEU A 64 5.73 -3.38 -38.51
CA LEU A 64 5.10 -2.28 -37.81
C LEU A 64 5.65 -0.91 -38.24
N ALA A 65 6.99 -0.79 -38.33
CA ALA A 65 7.54 0.44 -38.74
C ALA A 65 7.09 0.79 -40.21
N ASP A 66 6.99 -0.22 -41.06
CA ASP A 66 6.52 0.03 -42.42
C ASP A 66 5.10 0.58 -42.45
N GLU A 67 4.19 0.03 -41.61
CA GLU A 67 2.82 0.46 -41.56
C GLU A 67 2.79 1.89 -41.06
N LEU A 68 3.56 2.23 -40.05
CA LEU A 68 3.54 3.59 -39.54
C LEU A 68 4.10 4.58 -40.54
N ASN A 69 5.22 4.24 -41.16
CA ASN A 69 5.78 5.11 -42.15
C ASN A 69 4.92 5.35 -43.44
N LYS A 70 4.06 4.39 -43.70
CA LYS A 70 3.20 4.45 -44.83
C LYS A 70 2.11 5.46 -44.41
N GLU A 71 1.70 5.51 -43.13
CA GLU A 71 0.76 6.59 -42.67
C GLU A 71 1.47 7.98 -42.73
N ARG A 72 2.70 8.09 -42.26
CA ARG A 72 3.40 9.39 -42.25
C ARG A 72 4.88 9.13 -42.49
N SER A 73 5.47 9.53 -43.61
CA SER A 73 6.83 9.18 -43.90
CA SER A 73 6.85 9.17 -43.89
C SER A 73 7.80 9.66 -42.80
N ASN A 74 8.82 8.82 -42.50
CA ASN A 74 9.92 9.18 -41.62
C ASN A 74 9.47 9.46 -40.17
N THR A 75 8.54 8.61 -39.75
CA THR A 75 8.03 8.76 -38.39
C THR A 75 8.24 7.53 -37.51
N ALA A 76 8.82 6.47 -38.02
CA ALA A 76 9.09 5.26 -37.23
C ALA A 76 10.44 4.65 -37.70
N VAL A 77 11.24 4.21 -36.72
CA VAL A 77 12.43 3.44 -36.96
C VAL A 77 12.46 2.26 -35.99
N VAL A 78 13.18 1.18 -36.30
CA VAL A 78 13.45 0.14 -35.39
C VAL A 78 14.76 0.22 -34.73
N CYS A 79 14.91 -0.45 -33.55
CA CYS A 79 16.23 -0.41 -32.84
C CYS A 79 16.32 -1.78 -32.15
N GLN A 80 17.31 -2.60 -32.45
CA GLN A 80 17.48 -3.88 -31.89
C GLN A 80 18.44 -3.84 -30.65
N ALA A 81 17.96 -4.47 -29.56
CA ALA A 81 18.81 -4.68 -28.39
C ALA A 81 18.32 -5.78 -27.47
N ASP A 82 19.27 -6.55 -26.94
CA ASP A 82 19.06 -7.44 -25.82
C ASP A 82 19.14 -6.60 -24.53
N LEU A 83 18.07 -6.68 -23.71
CA LEU A 83 18.00 -5.97 -22.44
C LEU A 83 18.34 -6.79 -21.23
N THR A 84 18.83 -8.02 -21.47
CA THR A 84 19.42 -8.84 -20.38
CA THR A 84 19.34 -8.79 -20.33
C THR A 84 20.49 -8.07 -19.68
N ASN A 85 20.63 -8.22 -18.36
CA ASN A 85 21.75 -7.52 -17.71
C ASN A 85 23.11 -8.13 -18.07
N SER A 86 24.09 -7.27 -18.21
CA SER A 86 25.46 -7.64 -18.51
C SER A 86 26.32 -6.39 -18.33
N ASN A 87 27.62 -6.54 -18.49
CA ASN A 87 28.46 -5.39 -18.39
C ASN A 87 28.31 -4.39 -19.60
N VAL A 88 27.72 -4.82 -20.68
CA VAL A 88 27.40 -3.94 -21.85
CA VAL A 88 27.43 -4.00 -21.86
CA VAL A 88 27.42 -3.88 -21.75
C VAL A 88 25.99 -3.36 -21.82
N LEU A 89 25.16 -3.80 -20.87
CA LEU A 89 23.80 -3.25 -20.84
C LEU A 89 23.78 -1.74 -20.78
N PRO A 90 24.61 -1.07 -20.01
CA PRO A 90 24.58 0.37 -20.03
C PRO A 90 24.82 1.02 -21.39
N ALA A 91 25.74 0.41 -22.16
CA ALA A 91 25.96 0.89 -23.53
C ALA A 91 24.81 0.63 -24.42
N SER A 92 24.14 -0.51 -24.31
CA SER A 92 23.00 -0.82 -25.09
C SER A 92 21.83 0.18 -24.84
N CYS A 93 21.66 0.50 -23.60
CA CYS A 93 20.58 1.39 -23.25
C CYS A 93 20.88 2.82 -23.66
N GLU A 94 22.13 3.24 -23.58
CA GLU A 94 22.54 4.56 -24.12
C GLU A 94 22.29 4.57 -25.62
N GLU A 95 22.58 3.47 -26.31
CA GLU A 95 22.35 3.41 -27.75
C GLU A 95 20.91 3.44 -28.18
N ILE A 96 20.01 2.87 -27.36
CA ILE A 96 18.60 2.97 -27.64
C ILE A 96 18.17 4.43 -27.59
N ILE A 97 18.54 5.18 -26.57
CA ILE A 97 18.21 6.57 -26.51
C ILE A 97 18.85 7.34 -27.66
N ASN A 98 20.13 7.03 -27.89
CA ASN A 98 20.84 7.70 -28.99
C ASN A 98 20.17 7.46 -30.29
N SER A 99 19.56 6.31 -30.54
CA SER A 99 18.86 6.03 -31.73
CA SER A 99 18.85 6.03 -31.74
C SER A 99 17.68 6.93 -31.96
N CYS A 100 17.03 7.37 -30.89
CA CYS A 100 15.90 8.25 -31.04
C CYS A 100 16.41 9.64 -31.42
N PHE A 101 17.45 10.14 -30.76
CA PHE A 101 18.01 11.42 -31.15
C PHE A 101 18.59 11.31 -32.62
N ARG A 102 19.16 10.18 -33.01
CA ARG A 102 19.72 10.04 -34.36
C ARG A 102 18.66 10.12 -35.47
N ALA A 103 17.48 9.57 -35.20
CA ALA A 103 16.39 9.53 -36.14
C ALA A 103 15.61 10.80 -36.14
N PHE A 104 15.38 11.39 -34.96
CA PHE A 104 14.31 12.41 -34.76
C PHE A 104 14.81 13.68 -34.16
N GLY A 105 16.01 13.72 -33.63
CA GLY A 105 16.60 14.93 -33.06
C GLY A 105 16.19 15.31 -31.64
N ARG A 106 15.42 14.41 -31.04
CA ARG A 106 14.93 14.62 -29.67
C ARG A 106 14.31 13.34 -29.16
N CYS A 107 14.01 13.31 -27.87
CA CYS A 107 13.40 12.11 -27.28
C CYS A 107 12.63 12.61 -26.08
N ASP A 108 11.31 12.64 -26.26
CA ASP A 108 10.38 13.24 -25.31
C ASP A 108 9.84 12.21 -24.28
N VAL A 109 9.60 10.99 -24.75
CA VAL A 109 8.93 9.94 -23.99
C VAL A 109 9.71 8.66 -24.09
N LEU A 110 9.80 7.96 -22.95
CA LEU A 110 10.35 6.61 -22.82
C LEU A 110 9.35 5.75 -22.24
N VAL A 111 8.98 4.66 -22.88
CA VAL A 111 8.05 3.67 -22.34
C VAL A 111 8.82 2.34 -22.12
N ASN A 112 8.99 1.96 -20.88
CA ASN A 112 9.64 0.76 -20.50
C ASN A 112 8.64 -0.40 -20.45
N ASN A 113 8.49 -1.07 -21.55
CA ASN A 113 7.54 -2.14 -21.78
C ASN A 113 8.14 -3.51 -21.81
N ALA A 114 9.33 -3.67 -22.40
CA ALA A 114 9.91 -4.99 -22.59
C ALA A 114 10.05 -5.78 -21.27
N SER A 115 9.77 -7.09 -21.32
CA SER A 115 9.75 -7.85 -20.11
C SER A 115 9.99 -9.32 -20.40
N ALA A 116 10.89 -9.92 -19.62
CA ALA A 116 10.97 -11.38 -19.57
C ALA A 116 10.00 -11.88 -18.47
N PHE A 117 9.38 -13.07 -18.67
CA PHE A 117 8.41 -13.58 -17.78
C PHE A 117 8.35 -15.09 -17.85
N TYR A 118 8.71 -15.73 -16.74
CA TYR A 118 8.70 -17.18 -16.63
C TYR A 118 8.89 -17.52 -15.16
N PRO A 119 8.61 -18.77 -14.80
CA PRO A 119 8.75 -19.18 -13.43
C PRO A 119 10.20 -19.56 -13.05
N THR A 120 10.51 -19.28 -11.79
CA THR A 120 11.78 -19.59 -11.22
C THR A 120 11.53 -20.19 -9.85
N PRO A 121 11.14 -21.46 -9.77
CA PRO A 121 10.81 -22.05 -8.49
C PRO A 121 11.96 -22.04 -7.47
N LEU A 122 11.60 -21.83 -6.21
CA LEU A 122 12.62 -21.79 -5.13
C LEU A 122 13.12 -23.14 -4.74
N VAL A 123 12.27 -24.19 -4.94
CA VAL A 123 12.57 -25.60 -4.61
C VAL A 123 12.52 -26.39 -5.89
N GLN A 124 13.54 -27.24 -6.05
CA GLN A 124 13.72 -28.08 -7.32
C GLN A 124 13.20 -29.45 -7.12
N LYS A 134 18.55 -23.10 -18.35
CA LYS A 134 19.19 -21.77 -18.02
C LYS A 134 19.71 -21.76 -16.57
N THR A 135 20.91 -21.25 -16.41
CA THR A 135 21.44 -21.16 -15.06
C THR A 135 20.65 -20.10 -14.28
N VAL A 136 20.74 -20.20 -12.98
CA VAL A 136 19.99 -19.24 -12.16
CA VAL A 136 20.03 -19.25 -12.10
C VAL A 136 20.58 -17.82 -12.38
N GLU A 137 21.88 -17.69 -12.59
CA GLU A 137 22.44 -16.38 -12.91
C GLU A 137 21.79 -15.82 -14.18
N THR A 138 21.69 -16.64 -15.22
CA THR A 138 21.07 -16.18 -16.47
C THR A 138 19.63 -15.72 -16.18
N GLN A 139 18.87 -16.49 -15.36
CA GLN A 139 17.54 -16.09 -15.02
C GLN A 139 17.52 -14.72 -14.29
N VAL A 140 18.42 -14.52 -13.38
CA VAL A 140 18.55 -13.23 -12.76
C VAL A 140 18.80 -12.15 -13.77
N ALA A 141 19.74 -12.38 -14.66
CA ALA A 141 20.14 -11.36 -15.62
C ALA A 141 18.91 -11.01 -16.54
N GLU A 142 18.15 -12.01 -16.93
CA GLU A 142 17.00 -11.82 -17.83
C GLU A 142 15.75 -11.25 -17.17
N LEU A 143 15.43 -11.74 -15.98
CA LEU A 143 14.23 -11.27 -15.29
C LEU A 143 14.50 -9.93 -14.61
N ILE A 144 15.56 -9.79 -13.88
CA ILE A 144 15.86 -8.52 -13.23
C ILE A 144 16.39 -7.50 -14.21
N GLY A 145 17.19 -7.95 -15.25
CA GLY A 145 17.62 -7.02 -16.26
C GLY A 145 16.52 -6.39 -17.03
N THR A 146 15.67 -7.19 -17.70
CA THR A 146 14.64 -6.59 -18.51
CA THR A 146 14.70 -6.64 -18.54
C THR A 146 13.69 -5.79 -17.71
N ASN A 147 13.27 -6.31 -16.54
CA ASN A 147 12.23 -5.68 -15.80
C ASN A 147 12.61 -4.52 -14.94
N ALA A 148 13.89 -4.43 -14.65
CA ALA A 148 14.34 -3.41 -13.71
C ALA A 148 15.59 -2.66 -14.05
N ILE A 149 16.67 -3.47 -14.38
CA ILE A 149 17.93 -2.79 -14.60
C ILE A 149 17.93 -1.98 -15.92
N ALA A 150 17.42 -2.57 -16.95
CA ALA A 150 17.32 -1.89 -18.23
C ALA A 150 16.44 -0.63 -18.11
N PRO A 151 15.26 -0.70 -17.43
CA PRO A 151 14.53 0.53 -17.22
C PRO A 151 15.36 1.61 -16.49
N PHE A 152 16.15 1.16 -15.52
CA PHE A 152 16.99 2.09 -14.75
C PHE A 152 18.07 2.75 -15.61
N LEU A 153 18.70 1.96 -16.48
CA LEU A 153 19.77 2.45 -17.35
C LEU A 153 19.18 3.35 -18.45
N LEU A 154 18.04 2.93 -19.00
CA LEU A 154 17.34 3.75 -20.00
C LEU A 154 16.93 5.06 -19.38
N THR A 155 16.45 5.07 -18.12
CA THR A 155 16.02 6.30 -17.43
C THR A 155 17.23 7.22 -17.23
N MET A 156 18.39 6.64 -16.84
CA MET A 156 19.60 7.44 -16.74
C MET A 156 19.98 8.08 -18.10
N SER A 157 19.97 7.26 -19.16
CA SER A 157 20.37 7.77 -20.45
C SER A 157 19.36 8.80 -21.02
N PHE A 158 18.09 8.58 -20.80
CA PHE A 158 17.04 9.56 -21.21
C PHE A 158 17.30 10.88 -20.50
N ALA A 159 17.48 10.86 -19.20
CA ALA A 159 17.72 12.08 -18.47
C ALA A 159 18.98 12.77 -18.82
N GLN A 160 20.04 11.98 -19.04
CA GLN A 160 21.35 12.62 -19.31
C GLN A 160 21.32 13.31 -20.65
N ARG A 161 20.61 12.72 -21.61
CA ARG A 161 20.64 13.31 -23.00
C ARG A 161 19.78 14.53 -23.04
N GLN A 162 18.95 14.87 -22.10
CA GLN A 162 18.18 16.13 -22.25
C GLN A 162 19.03 17.47 -22.18
N SER A 172 7.50 22.05 -23.55
CA SER A 172 8.26 20.80 -23.11
C SER A 172 7.31 19.85 -22.29
N ASN A 173 7.24 18.55 -22.65
CA ASN A 173 6.45 17.60 -21.91
C ASN A 173 7.14 16.23 -21.90
N LEU A 174 8.14 16.16 -21.04
CA LEU A 174 9.03 14.92 -21.02
C LEU A 174 8.50 13.95 -19.93
N SER A 175 8.42 12.67 -20.27
CA SER A 175 7.91 11.70 -19.32
C SER A 175 8.31 10.27 -19.65
N ILE A 176 8.38 9.48 -18.60
CA ILE A 176 8.72 8.07 -18.67
C ILE A 176 7.52 7.33 -18.14
N VAL A 177 7.12 6.26 -18.77
CA VAL A 177 6.08 5.36 -18.32
C VAL A 177 6.63 3.95 -18.22
N ASN A 178 6.52 3.38 -17.04
CA ASN A 178 6.97 2.01 -16.76
C ASN A 178 5.79 1.06 -16.71
N LEU A 179 5.87 -0.05 -17.40
CA LEU A 179 4.84 -1.07 -17.42
C LEU A 179 5.10 -2.01 -16.20
N CYS A 180 4.20 -1.89 -15.24
CA CYS A 180 4.29 -2.52 -13.93
C CYS A 180 3.40 -3.75 -13.96
N ASP A 181 2.88 -4.14 -12.82
CA ASP A 181 2.06 -5.38 -12.71
C ASP A 181 1.11 -5.16 -11.55
N ALA A 182 -0.19 -5.11 -11.76
CA ALA A 182 -1.18 -4.86 -10.70
C ALA A 182 -1.18 -5.91 -9.63
N MET A 183 -0.72 -7.11 -9.92
CA MET A 183 -0.75 -8.27 -9.04
C MET A 183 0.52 -8.51 -8.34
N VAL A 184 1.29 -7.47 -8.29
CA VAL A 184 2.61 -7.67 -7.68
C VAL A 184 2.59 -7.99 -6.18
N ASP A 185 1.51 -7.75 -5.53
CA ASP A 185 1.35 -8.05 -4.11
C ASP A 185 0.65 -9.38 -3.83
N GLN A 186 0.09 -9.96 -4.89
CA GLN A 186 -0.63 -11.23 -4.84
C GLN A 186 -0.02 -12.00 -5.97
N PRO A 187 1.25 -12.42 -5.80
CA PRO A 187 1.96 -12.90 -6.96
C PRO A 187 1.61 -14.33 -7.37
N CYS A 188 1.90 -14.68 -8.64
CA CYS A 188 1.76 -16.07 -9.03
C CYS A 188 2.82 -16.92 -8.36
N MET A 189 2.42 -18.14 -7.99
CA MET A 189 3.31 -19.07 -7.37
C MET A 189 4.46 -19.39 -8.31
N ALA A 190 5.67 -19.40 -7.69
CA ALA A 190 6.90 -19.78 -8.41
C ALA A 190 7.48 -18.76 -9.33
N PHE A 191 7.03 -17.50 -9.22
CA PHE A 191 7.53 -16.38 -10.03
C PHE A 191 8.30 -15.37 -9.20
N SER A 192 9.13 -15.88 -8.30
CA SER A 192 9.77 -14.92 -7.41
CA SER A 192 9.86 -14.96 -7.39
C SER A 192 10.65 -13.93 -8.15
N LEU A 193 11.54 -14.33 -9.05
CA LEU A 193 12.42 -13.38 -9.66
C LEU A 193 11.67 -12.37 -10.52
N TYR A 194 10.68 -12.82 -11.23
CA TYR A 194 9.81 -11.88 -11.98
C TYR A 194 9.21 -10.85 -11.03
N ASN A 195 8.64 -11.33 -9.95
CA ASN A 195 7.97 -10.42 -8.98
CA ASN A 195 7.99 -10.38 -9.04
C ASN A 195 8.98 -9.46 -8.38
N MET A 196 10.20 -9.96 -8.07
CA MET A 196 11.24 -9.08 -7.52
C MET A 196 11.51 -8.00 -8.50
N GLY A 197 11.63 -8.34 -9.79
CA GLY A 197 11.91 -7.34 -10.79
C GLY A 197 10.81 -6.29 -10.96
N LYS A 198 9.56 -6.75 -10.93
CA LYS A 198 8.45 -5.79 -10.99
C LYS A 198 8.37 -4.93 -9.74
N HIS A 199 8.67 -5.48 -8.58
CA HIS A 199 8.72 -4.62 -7.37
C HIS A 199 9.84 -3.62 -7.49
N ALA A 200 11.00 -4.06 -8.00
CA ALA A 200 12.09 -3.08 -8.20
C ALA A 200 11.67 -1.99 -9.15
N LEU A 201 10.88 -2.30 -10.17
CA LEU A 201 10.38 -1.28 -11.13
C LEU A 201 9.46 -0.25 -10.45
N VAL A 202 8.66 -0.66 -9.47
CA VAL A 202 7.89 0.27 -8.63
C VAL A 202 8.84 1.25 -7.95
N GLY A 203 9.88 0.65 -7.32
CA GLY A 203 10.85 1.48 -6.65
C GLY A 203 11.48 2.47 -7.61
N LEU A 204 11.91 2.03 -8.80
CA LEU A 204 12.50 2.92 -9.77
C LEU A 204 11.53 4.04 -10.14
N THR A 205 10.26 3.69 -10.36
CA THR A 205 9.26 4.67 -10.76
C THR A 205 9.20 5.80 -9.70
N GLN A 206 9.17 5.40 -8.44
CA GLN A 206 9.06 6.38 -7.36
C GLN A 206 10.34 7.17 -7.15
N SER A 207 11.51 6.45 -7.13
CA SER A 207 12.77 7.14 -6.94
C SER A 207 13.05 8.10 -8.11
N ALA A 208 12.84 7.66 -9.33
CA ALA A 208 13.10 8.50 -10.48
C ALA A 208 12.13 9.69 -10.58
N ALA A 209 10.87 9.49 -10.13
CA ALA A 209 9.95 10.59 -10.11
C ALA A 209 10.50 11.72 -9.21
N LEU A 210 10.97 11.31 -8.09
CA LEU A 210 11.48 12.26 -7.09
CA LEU A 210 11.50 12.28 -7.11
C LEU A 210 12.73 12.97 -7.64
N GLU A 211 13.69 12.22 -8.13
CA GLU A 211 14.95 12.78 -8.61
C GLU A 211 14.86 13.53 -9.86
N LEU A 212 13.97 13.19 -10.78
CA LEU A 212 13.87 13.83 -12.04
C LEU A 212 12.87 14.99 -12.11
N ALA A 213 12.03 15.12 -11.07
CA ALA A 213 11.09 16.20 -11.05
C ALA A 213 11.73 17.57 -11.23
N PRO A 214 12.88 17.85 -10.64
CA PRO A 214 13.50 19.21 -10.85
C PRO A 214 13.85 19.47 -12.29
N TYR A 215 14.04 18.39 -13.13
CA TYR A 215 14.35 18.51 -14.60
C TYR A 215 13.08 18.53 -15.44
N GLY A 216 11.91 18.47 -14.79
CA GLY A 216 10.63 18.51 -15.54
C GLY A 216 10.29 17.18 -16.17
N ILE A 217 10.92 16.10 -15.72
CA ILE A 217 10.63 14.80 -16.29
C ILE A 217 9.73 14.09 -15.28
N ARG A 218 8.52 13.73 -15.80
CA ARG A 218 7.59 12.97 -14.96
C ARG A 218 7.81 11.47 -15.18
N VAL A 219 7.60 10.67 -14.12
CA VAL A 219 7.87 9.23 -14.20
C VAL A 219 6.66 8.56 -13.52
N ASN A 220 5.94 7.74 -14.30
CA ASN A 220 4.76 7.09 -13.83
C ASN A 220 4.69 5.65 -14.28
N GLY A 221 3.72 4.89 -13.83
CA GLY A 221 3.53 3.51 -14.19
C GLY A 221 2.14 3.25 -14.66
N VAL A 222 2.00 2.16 -15.42
CA VAL A 222 0.74 1.56 -15.80
C VAL A 222 0.86 0.10 -15.39
N ALA A 223 -0.12 -0.39 -14.61
CA ALA A 223 -0.06 -1.72 -14.03
C ALA A 223 -1.23 -2.60 -14.55
N PRO A 224 -0.99 -3.37 -15.62
CA PRO A 224 -2.02 -4.33 -16.02
C PRO A 224 -2.27 -5.39 -15.00
N GLY A 225 -3.48 -5.94 -15.05
CA GLY A 225 -3.81 -7.13 -14.30
C GLY A 225 -3.62 -8.28 -15.29
N VAL A 226 -4.70 -8.76 -15.84
CA VAL A 226 -4.52 -9.64 -16.99
CA VAL A 226 -4.67 -9.70 -16.98
C VAL A 226 -5.01 -8.90 -18.21
N SER A 227 -4.08 -8.80 -19.16
CA SER A 227 -4.27 -8.26 -20.46
C SER A 227 -3.99 -9.44 -21.35
N LEU A 228 -3.44 -9.19 -22.49
CA LEU A 228 -3.22 -10.29 -23.50
C LEU A 228 -2.56 -11.50 -22.83
N LEU A 229 -3.22 -12.66 -22.93
CA LEU A 229 -2.77 -13.82 -22.32
C LEU A 229 -1.55 -14.34 -23.12
N PRO A 230 -0.68 -15.13 -22.48
CA PRO A 230 0.49 -15.59 -23.19
C PRO A 230 0.10 -16.40 -24.44
N VAL A 231 0.94 -16.26 -25.48
CA VAL A 231 0.64 -16.97 -26.76
C VAL A 231 0.54 -18.50 -26.54
N ALA A 232 1.32 -19.03 -25.60
CA ALA A 232 1.45 -20.44 -25.37
C ALA A 232 0.23 -21.00 -24.64
N MET A 233 -0.61 -20.15 -24.04
CA MET A 233 -1.61 -20.60 -23.09
C MET A 233 -2.77 -21.13 -23.87
N GLY A 234 -3.27 -22.26 -23.41
CA GLY A 234 -4.51 -22.87 -23.99
C GLY A 234 -5.75 -22.13 -23.58
N GLU A 235 -6.77 -22.28 -24.41
CA GLU A 235 -8.06 -21.61 -24.21
C GLU A 235 -8.67 -21.79 -22.83
N GLU A 236 -8.67 -23.02 -22.32
CA GLU A 236 -9.25 -23.26 -21.04
C GLU A 236 -8.54 -22.48 -19.92
N GLU A 237 -7.19 -22.46 -19.98
CA GLU A 237 -6.46 -21.73 -18.96
C GLU A 237 -6.68 -20.22 -19.08
N LYS A 238 -6.76 -19.71 -20.33
CA LYS A 238 -7.14 -18.30 -20.55
C LYS A 238 -8.46 -18.01 -19.93
N ASP A 239 -9.46 -18.92 -20.11
CA ASP A 239 -10.74 -18.64 -19.55
C ASP A 239 -10.77 -18.68 -18.00
N LYS A 240 -9.94 -19.53 -17.41
CA LYS A 240 -9.83 -19.54 -15.98
C LYS A 240 -9.46 -18.11 -15.49
N TRP A 241 -8.48 -17.47 -16.15
CA TRP A 241 -8.08 -16.12 -15.75
C TRP A 241 -9.18 -15.10 -16.02
N ARG A 242 -9.78 -15.20 -17.19
CA ARG A 242 -10.85 -14.27 -17.54
C ARG A 242 -12.01 -14.24 -16.56
N ARG A 243 -12.38 -15.41 -16.07
CA ARG A 243 -13.49 -15.51 -15.24
C ARG A 243 -13.29 -14.90 -13.84
N LYS A 244 -12.21 -14.45 -13.60
CA LYS A 244 -11.83 -13.86 -12.32
C LYS A 244 -11.94 -12.35 -12.25
N VAL A 245 -12.05 -11.77 -13.46
CA VAL A 245 -12.01 -10.30 -13.56
C VAL A 245 -13.37 -9.75 -13.29
N PRO A 246 -13.58 -8.92 -12.30
CA PRO A 246 -14.89 -8.36 -12.00
C PRO A 246 -15.53 -7.60 -13.17
N LEU A 247 -14.78 -6.72 -13.77
CA LEU A 247 -15.32 -5.89 -14.79
C LEU A 247 -15.26 -6.55 -16.13
N GLY A 248 -16.33 -7.28 -16.41
CA GLY A 248 -16.53 -7.87 -17.72
C GLY A 248 -16.05 -9.31 -17.89
N ARG A 249 -15.43 -9.89 -16.87
CA ARG A 249 -14.94 -11.26 -16.99
C ARG A 249 -14.14 -11.47 -18.28
N ARG A 250 -13.21 -10.56 -18.54
CA ARG A 250 -12.37 -10.60 -19.70
C ARG A 250 -11.11 -9.83 -19.46
N GLU A 251 -10.07 -10.14 -20.21
CA GLU A 251 -8.80 -9.44 -20.09
C GLU A 251 -8.85 -8.12 -20.74
N ALA A 252 -7.94 -7.22 -20.31
CA ALA A 252 -7.75 -5.95 -20.96
C ALA A 252 -7.29 -6.11 -22.40
N SER A 253 -7.84 -5.35 -23.31
CA SER A 253 -7.24 -5.28 -24.63
C SER A 253 -5.89 -4.57 -24.56
N ALA A 254 -5.04 -4.76 -25.54
CA ALA A 254 -3.83 -4.02 -25.62
C ALA A 254 -4.13 -2.54 -25.71
N GLU A 255 -5.19 -2.20 -26.43
CA GLU A 255 -5.58 -0.80 -26.61
C GLU A 255 -5.91 -0.12 -25.28
N GLN A 256 -6.58 -0.85 -24.38
CA GLN A 256 -6.95 -0.31 -23.07
C GLN A 256 -5.73 -0.03 -22.21
N ILE A 257 -4.66 -0.87 -22.30
CA ILE A 257 -3.44 -0.55 -21.59
C ILE A 257 -2.82 0.68 -22.18
N ALA A 258 -2.72 0.73 -23.54
CA ALA A 258 -2.13 1.86 -24.20
C ALA A 258 -2.83 3.18 -23.92
N ASP A 259 -4.15 3.12 -23.71
CA ASP A 259 -4.94 4.30 -23.35
C ASP A 259 -4.39 4.98 -22.07
N ALA A 260 -4.01 4.15 -21.08
CA ALA A 260 -3.51 4.72 -19.84
C ALA A 260 -2.12 5.34 -20.04
N VAL A 261 -1.30 4.70 -20.89
CA VAL A 261 -0.01 5.28 -21.19
C VAL A 261 -0.18 6.63 -21.90
N ILE A 262 -1.11 6.72 -22.86
CA ILE A 262 -1.32 7.98 -23.55
C ILE A 262 -1.80 9.05 -22.65
N PHE A 263 -2.66 8.72 -21.67
CA PHE A 263 -3.01 9.73 -20.69
C PHE A 263 -1.87 10.24 -19.90
N LEU A 264 -1.00 9.31 -19.42
CA LEU A 264 0.10 9.76 -18.61
C LEU A 264 1.13 10.60 -19.33
N VAL A 265 1.24 10.41 -20.65
CA VAL A 265 2.18 11.18 -21.46
C VAL A 265 1.56 12.45 -22.04
N SER A 266 0.30 12.71 -21.72
CA SER A 266 -0.40 13.86 -22.20
C SER A 266 -0.33 15.06 -21.25
N GLY A 267 -0.77 16.18 -21.79
CA GLY A 267 -0.88 17.40 -20.98
C GLY A 267 -1.98 17.31 -19.92
N SER A 268 -2.88 16.33 -20.02
CA SER A 268 -3.85 16.15 -18.98
C SER A 268 -3.30 15.46 -17.72
N ALA A 269 -2.02 15.08 -17.74
CA ALA A 269 -1.30 14.49 -16.63
C ALA A 269 -0.12 15.27 -16.18
N GLN A 270 -0.09 16.55 -16.54
CA GLN A 270 1.05 17.38 -16.28
C GLN A 270 1.50 17.56 -14.79
N TYR A 271 0.61 17.30 -13.82
CA TYR A 271 0.96 17.36 -12.43
C TYR A 271 1.21 15.96 -11.81
N ILE A 272 1.02 14.91 -12.64
CA ILE A 272 1.12 13.54 -12.16
C ILE A 272 2.52 13.03 -12.34
N THR A 273 3.14 12.67 -11.18
CA THR A 273 4.42 11.98 -11.25
C THR A 273 4.54 11.08 -10.01
N GLY A 274 5.17 9.91 -10.20
CA GLY A 274 5.22 8.91 -9.20
C GLY A 274 3.99 8.06 -9.01
N SER A 275 3.02 8.17 -9.90
CA SER A 275 1.75 7.46 -9.80
C SER A 275 1.78 6.22 -10.66
N ILE A 276 1.20 5.16 -10.16
CA ILE A 276 1.05 3.87 -10.89
C ILE A 276 -0.43 3.61 -11.04
N ILE A 277 -0.96 3.69 -12.26
CA ILE A 277 -2.33 3.49 -12.56
C ILE A 277 -2.61 1.99 -12.84
N LYS A 278 -3.38 1.36 -11.99
CA LYS A 278 -3.86 -0.02 -12.27
C LYS A 278 -4.88 0.03 -13.37
N VAL A 279 -4.69 -0.87 -14.31
CA VAL A 279 -5.63 -1.09 -15.40
C VAL A 279 -6.01 -2.58 -15.38
N ASP A 280 -6.87 -2.97 -14.42
CA ASP A 280 -6.96 -4.35 -14.08
C ASP A 280 -8.39 -4.83 -13.93
N GLY A 281 -9.37 -4.00 -14.25
CA GLY A 281 -10.77 -4.53 -14.16
C GLY A 281 -11.25 -4.93 -12.82
N GLY A 282 -10.53 -4.48 -11.77
CA GLY A 282 -10.81 -4.88 -10.44
C GLY A 282 -10.10 -6.15 -9.91
N LEU A 283 -9.28 -6.80 -10.76
CA LEU A 283 -8.73 -8.12 -10.40
C LEU A 283 -7.99 -8.09 -9.06
N SER A 284 -7.20 -7.05 -8.84
CA SER A 284 -6.38 -6.98 -7.65
C SER A 284 -7.22 -6.84 -6.37
N LEU A 285 -8.49 -6.54 -6.49
CA LEU A 285 -9.39 -6.42 -5.36
C LEU A 285 -10.08 -7.71 -4.96
N VAL A 286 -9.87 -8.74 -5.72
CA VAL A 286 -10.60 -10.00 -5.58
C VAL A 286 -9.84 -10.90 -4.54
N HIS A 287 -10.47 -11.30 -3.47
CA HIS A 287 -9.80 -12.21 -2.50
C HIS A 287 -9.75 -13.62 -3.07
N ALA A 288 -8.84 -14.43 -2.49
CA ALA A 288 -8.76 -15.80 -2.84
C ALA A 288 -10.05 -16.52 -2.72
N GLU B 22 -29.71 12.48 -25.14
CA GLU B 22 -28.58 11.76 -25.77
C GLU B 22 -27.31 12.26 -25.00
N ALA B 23 -27.19 13.50 -24.50
CA ALA B 23 -25.97 13.88 -23.75
C ALA B 23 -26.02 13.22 -22.35
N PRO B 24 -24.87 12.71 -21.90
CA PRO B 24 -24.85 12.11 -20.56
C PRO B 24 -24.98 13.19 -19.49
N ALA B 25 -25.21 12.72 -18.25
CA ALA B 25 -25.42 13.63 -17.14
C ALA B 25 -24.56 13.21 -15.96
N ALA B 26 -24.15 14.22 -15.15
CA ALA B 26 -23.28 13.99 -14.01
C ALA B 26 -23.78 14.80 -12.79
N VAL B 27 -23.60 14.17 -11.63
CA VAL B 27 -23.73 14.86 -10.36
C VAL B 27 -22.35 15.14 -9.80
N VAL B 28 -22.06 16.40 -9.39
CA VAL B 28 -20.85 16.74 -8.75
C VAL B 28 -21.21 17.38 -7.37
N THR B 29 -20.74 16.75 -6.29
CA THR B 29 -20.97 17.30 -4.96
C THR B 29 -19.99 18.41 -4.61
N GLY B 30 -20.48 19.38 -3.87
CA GLY B 30 -19.63 20.48 -3.47
C GLY B 30 -19.07 21.19 -4.68
N ALA B 31 -19.94 21.51 -5.67
CA ALA B 31 -19.52 22.01 -6.99
C ALA B 31 -19.52 23.47 -7.19
N ALA B 32 -19.90 24.25 -6.16
CA ALA B 32 -19.98 25.71 -6.37
C ALA B 32 -18.64 26.40 -6.54
N LYS B 33 -17.57 25.86 -5.88
CA LYS B 33 -16.31 26.53 -5.81
C LYS B 33 -15.14 25.57 -6.01
N ARG B 34 -13.96 26.11 -6.28
CA ARG B 34 -12.71 25.40 -6.11
C ARG B 34 -12.70 24.12 -6.98
N ILE B 35 -12.24 22.98 -6.48
CA ILE B 35 -12.07 21.80 -7.30
C ILE B 35 -13.39 21.31 -7.91
N GLY B 36 -14.46 21.29 -7.07
CA GLY B 36 -15.74 20.81 -7.59
C GLY B 36 -16.22 21.67 -8.75
N ARG B 37 -16.01 22.98 -8.67
CA ARG B 37 -16.42 23.89 -9.73
C ARG B 37 -15.67 23.56 -11.01
N ALA B 38 -14.36 23.32 -10.88
CA ALA B 38 -13.55 22.98 -12.03
C ALA B 38 -13.99 21.69 -12.69
N ILE B 39 -14.30 20.69 -11.81
CA ILE B 39 -14.81 19.46 -12.32
C ILE B 39 -16.09 19.65 -13.12
N ALA B 40 -17.05 20.36 -12.49
CA ALA B 40 -18.30 20.61 -13.18
C ALA B 40 -18.11 21.28 -14.54
N VAL B 41 -17.23 22.30 -14.55
CA VAL B 41 -16.95 22.99 -15.80
C VAL B 41 -16.38 22.05 -16.87
N LYS B 42 -15.36 21.23 -16.45
CA LYS B 42 -14.76 20.37 -17.44
C LYS B 42 -15.71 19.28 -17.93
N LEU B 43 -16.57 18.75 -16.99
CA LEU B 43 -17.54 17.77 -17.49
C LEU B 43 -18.47 18.47 -18.54
N HIS B 44 -18.92 19.66 -18.18
CA HIS B 44 -19.80 20.38 -19.11
C HIS B 44 -19.13 20.58 -20.48
N GLN B 45 -17.83 21.01 -20.40
CA GLN B 45 -17.06 21.21 -21.64
C GLN B 45 -16.99 19.92 -22.45
N THR B 46 -16.98 18.75 -21.80
CA THR B 46 -16.89 17.44 -22.42
C THR B 46 -18.19 17.01 -22.97
N GLY B 47 -19.30 17.68 -22.63
CA GLY B 47 -20.60 17.34 -23.15
C GLY B 47 -21.62 16.87 -22.15
N TYR B 48 -21.29 16.83 -20.87
CA TYR B 48 -22.25 16.40 -19.85
C TYR B 48 -23.17 17.57 -19.45
N ARG B 49 -24.41 17.16 -19.13
CA ARG B 49 -25.33 17.99 -18.35
C ARG B 49 -24.93 17.73 -16.86
N VAL B 50 -25.05 18.79 -16.02
CA VAL B 50 -24.55 18.69 -14.68
CA VAL B 50 -24.51 18.73 -14.66
C VAL B 50 -25.53 19.15 -13.60
N VAL B 51 -25.56 18.37 -12.52
CA VAL B 51 -26.15 18.77 -11.24
C VAL B 51 -25.04 19.33 -10.39
N ILE B 52 -25.18 20.58 -10.03
CA ILE B 52 -24.29 21.30 -9.15
C ILE B 52 -24.83 21.20 -7.74
N HIS B 53 -24.30 20.29 -6.93
CA HIS B 53 -24.70 20.19 -5.57
C HIS B 53 -23.91 21.25 -4.78
N TYR B 54 -24.57 21.81 -3.75
CA TYR B 54 -23.92 22.80 -2.86
C TYR B 54 -24.62 22.65 -1.48
N HIS B 55 -23.92 23.25 -0.53
CA HIS B 55 -24.46 23.31 0.85
C HIS B 55 -24.74 24.75 1.24
N ASN B 56 -23.74 25.55 1.44
CA ASN B 56 -23.96 26.96 1.82
C ASN B 56 -23.77 27.95 0.70
N SER B 57 -23.06 27.53 -0.34
CA SER B 57 -22.62 28.50 -1.37
C SER B 57 -23.68 28.69 -2.52
N ALA B 58 -24.87 29.14 -2.12
CA ALA B 58 -25.98 29.23 -3.10
C ALA B 58 -25.68 30.21 -4.24
N GLU B 59 -25.11 31.37 -3.90
CA GLU B 59 -24.90 32.40 -4.93
C GLU B 59 -23.87 31.88 -5.96
N ALA B 60 -22.80 31.23 -5.48
CA ALA B 60 -21.83 30.71 -6.40
C ALA B 60 -22.36 29.52 -7.22
N ALA B 61 -23.18 28.67 -6.60
CA ALA B 61 -23.74 27.58 -7.36
C ALA B 61 -24.65 28.05 -8.48
N VAL B 62 -25.48 29.04 -8.14
CA VAL B 62 -26.39 29.64 -9.14
C VAL B 62 -25.61 30.37 -10.19
N SER B 63 -24.56 31.08 -9.84
CA SER B 63 -23.78 31.76 -10.87
CA SER B 63 -23.76 31.75 -10.87
CA SER B 63 -23.73 31.74 -10.84
C SER B 63 -23.13 30.74 -11.82
N LEU B 64 -22.68 29.59 -11.28
CA LEU B 64 -22.14 28.59 -12.18
C LEU B 64 -23.17 28.04 -13.10
N ALA B 65 -24.33 27.73 -12.51
CA ALA B 65 -25.39 27.13 -13.35
C ALA B 65 -25.82 28.13 -14.46
N ASP B 66 -25.90 29.41 -14.11
CA ASP B 66 -26.30 30.43 -15.09
C ASP B 66 -25.24 30.50 -16.21
N GLU B 67 -23.97 30.39 -15.82
CA GLU B 67 -22.86 30.43 -16.76
C GLU B 67 -22.90 29.25 -17.74
N LEU B 68 -23.18 28.07 -17.22
CA LEU B 68 -23.24 26.87 -18.05
C LEU B 68 -24.47 26.83 -18.92
N ASN B 69 -25.61 27.29 -18.40
CA ASN B 69 -26.82 27.37 -19.25
C ASN B 69 -26.73 28.48 -20.29
N LYS B 70 -25.97 29.53 -20.09
CA LYS B 70 -25.76 30.45 -21.19
C LYS B 70 -24.94 29.82 -22.25
N GLU B 71 -23.99 28.96 -21.90
CA GLU B 71 -23.22 28.27 -22.94
C GLU B 71 -24.12 27.31 -23.69
N ARG B 72 -24.99 26.54 -23.01
CA ARG B 72 -25.94 25.64 -23.64
C ARG B 72 -27.16 25.54 -22.77
N SER B 73 -28.31 25.90 -23.29
CA SER B 73 -29.51 25.91 -22.45
CA SER B 73 -29.50 25.93 -22.46
CA SER B 73 -29.51 25.95 -22.43
C SER B 73 -29.84 24.57 -21.88
N ASN B 74 -30.39 24.55 -20.67
CA ASN B 74 -30.95 23.34 -20.05
CA ASN B 74 -30.96 23.31 -20.10
C ASN B 74 -29.92 22.24 -19.83
N THR B 75 -28.71 22.70 -19.50
CA THR B 75 -27.61 21.76 -19.21
C THR B 75 -27.06 21.79 -17.78
N ALA B 76 -27.63 22.65 -16.89
CA ALA B 76 -27.15 22.71 -15.57
C ALA B 76 -28.31 22.99 -14.63
N VAL B 77 -28.30 22.30 -13.49
CA VAL B 77 -29.24 22.64 -12.40
C VAL B 77 -28.41 22.65 -11.09
N VAL B 78 -28.98 23.21 -10.04
CA VAL B 78 -28.42 23.11 -8.69
C VAL B 78 -29.25 22.25 -7.80
N CYS B 79 -28.59 21.70 -6.76
CA CYS B 79 -29.30 20.90 -5.77
C CYS B 79 -28.66 21.22 -4.43
N GLN B 80 -29.41 21.75 -3.48
CA GLN B 80 -28.81 22.05 -2.12
C GLN B 80 -29.05 20.85 -1.20
N ALA B 81 -27.97 20.53 -0.45
CA ALA B 81 -28.06 19.55 0.65
C ALA B 81 -26.91 19.64 1.58
N ASP B 82 -27.22 19.50 2.87
CA ASP B 82 -26.19 19.22 3.93
C ASP B 82 -25.86 17.78 3.82
N LEU B 83 -24.56 17.46 3.72
CA LEU B 83 -24.09 16.06 3.64
C LEU B 83 -23.49 15.57 4.99
N THR B 84 -23.74 16.36 6.06
CA THR B 84 -23.49 15.91 7.40
CA THR B 84 -23.42 15.86 7.39
C THR B 84 -24.28 14.61 7.67
N ASN B 85 -23.69 13.67 8.42
CA ASN B 85 -24.48 12.47 8.67
C ASN B 85 -25.70 12.80 9.57
N SER B 86 -26.74 12.14 9.43
CA SER B 86 -27.95 12.30 10.27
C SER B 86 -28.98 11.35 9.80
N ASN B 87 -30.09 11.27 10.54
CA ASN B 87 -31.24 10.48 10.19
CA ASN B 87 -31.05 10.30 10.12
C ASN B 87 -31.77 10.70 8.79
N VAL B 88 -31.66 11.90 8.31
CA VAL B 88 -32.21 12.32 7.05
C VAL B 88 -31.16 12.20 5.88
N LEU B 89 -29.91 11.95 6.19
CA LEU B 89 -28.90 11.92 5.09
C LEU B 89 -29.27 10.92 3.97
N PRO B 90 -29.71 9.69 4.25
CA PRO B 90 -30.11 8.79 3.15
C PRO B 90 -31.11 9.45 2.20
N ALA B 91 -32.14 10.10 2.74
CA ALA B 91 -33.13 10.72 1.87
C ALA B 91 -32.53 11.88 1.10
N SER B 92 -31.67 12.65 1.73
CA SER B 92 -31.00 13.75 0.99
C SER B 92 -30.20 13.22 -0.20
N CYS B 93 -29.48 12.14 0.00
CA CYS B 93 -28.64 11.63 -1.05
C CYS B 93 -29.49 11.00 -2.15
N GLU B 94 -30.58 10.36 -1.78
CA GLU B 94 -31.51 9.84 -2.77
C GLU B 94 -32.08 11.04 -3.62
N GLU B 95 -32.35 12.16 -2.95
CA GLU B 95 -32.86 13.35 -3.63
C GLU B 95 -31.83 13.91 -4.61
N ILE B 96 -30.56 13.96 -4.22
CA ILE B 96 -29.53 14.48 -5.11
C ILE B 96 -29.53 13.65 -6.43
N ILE B 97 -29.51 12.30 -6.32
CA ILE B 97 -29.52 11.48 -7.50
C ILE B 97 -30.86 11.68 -8.27
N ASN B 98 -31.97 11.72 -7.52
CA ASN B 98 -33.26 11.88 -8.22
C ASN B 98 -33.26 13.21 -9.00
N SER B 99 -32.57 14.31 -8.51
CA SER B 99 -32.56 15.58 -9.15
CA SER B 99 -32.55 15.56 -9.18
C SER B 99 -31.92 15.47 -10.55
N CYS B 100 -30.92 14.61 -10.72
CA CYS B 100 -30.31 14.40 -12.01
C CYS B 100 -31.26 13.67 -12.95
N PHE B 101 -31.96 12.68 -12.47
CA PHE B 101 -32.93 11.99 -13.30
C PHE B 101 -34.12 12.91 -13.68
N ARG B 102 -34.57 13.73 -12.74
CA ARG B 102 -35.66 14.65 -12.98
C ARG B 102 -35.31 15.73 -14.02
N ALA B 103 -34.08 16.22 -13.98
CA ALA B 103 -33.64 17.24 -14.92
C ALA B 103 -33.29 16.64 -16.26
N PHE B 104 -32.61 15.49 -16.27
CA PHE B 104 -31.91 15.05 -17.48
C PHE B 104 -32.29 13.67 -17.96
N GLY B 105 -33.06 12.99 -17.17
CA GLY B 105 -33.54 11.64 -17.59
C GLY B 105 -32.55 10.48 -17.43
N ARG B 106 -31.43 10.74 -16.79
CA ARG B 106 -30.33 9.74 -16.73
C ARG B 106 -29.32 10.31 -15.71
N CYS B 107 -28.44 9.45 -15.26
CA CYS B 107 -27.31 9.90 -14.36
C CYS B 107 -26.17 8.95 -14.65
N ASP B 108 -25.20 9.36 -15.35
CA ASP B 108 -24.10 8.55 -15.88
C ASP B 108 -22.92 8.55 -14.96
N VAL B 109 -22.67 9.69 -14.31
CA VAL B 109 -21.46 9.97 -13.51
C VAL B 109 -21.85 10.57 -12.21
N LEU B 110 -21.17 10.07 -11.16
CA LEU B 110 -21.23 10.70 -9.82
C LEU B 110 -19.82 11.06 -9.38
N VAL B 111 -19.59 12.31 -9.01
CA VAL B 111 -18.31 12.74 -8.48
C VAL B 111 -18.51 13.18 -7.02
N ASN B 112 -17.93 12.40 -6.10
CA ASN B 112 -17.99 12.66 -4.66
C ASN B 112 -16.82 13.57 -4.29
N ASN B 113 -17.08 14.85 -4.35
CA ASN B 113 -16.10 15.90 -4.10
C ASN B 113 -16.27 16.66 -2.83
N ALA B 114 -17.49 16.83 -2.36
CA ALA B 114 -17.69 17.65 -1.16
C ALA B 114 -16.95 17.10 0.04
N SER B 115 -16.45 17.97 0.91
CA SER B 115 -15.64 17.56 2.00
C SER B 115 -15.60 18.58 3.07
N ALA B 116 -15.73 18.17 4.31
CA ALA B 116 -15.37 18.98 5.46
C ALA B 116 -13.94 18.66 5.86
N PHE B 117 -13.19 19.65 6.35
CA PHE B 117 -11.79 19.55 6.60
C PHE B 117 -11.43 20.53 7.72
N TYR B 118 -11.10 20.02 8.90
CA TYR B 118 -10.61 20.86 10.02
C TYR B 118 -10.03 19.92 11.08
N PRO B 119 -9.20 20.41 11.98
CA PRO B 119 -8.55 19.57 12.96
C PRO B 119 -9.52 19.11 14.05
N THR B 120 -9.22 17.95 14.60
CA THR B 120 -9.98 17.38 15.71
C THR B 120 -8.93 16.73 16.64
N PRO B 121 -8.27 17.54 17.50
CA PRO B 121 -7.19 17.00 18.33
C PRO B 121 -7.69 15.94 19.29
N LEU B 122 -6.83 14.97 19.55
CA LEU B 122 -7.18 13.84 20.44
C LEU B 122 -7.11 14.29 21.89
N VAL B 123 -6.30 15.31 22.17
CA VAL B 123 -6.15 15.82 23.53
C VAL B 123 -6.39 17.32 23.58
N LYS B 134 -18.19 23.15 18.49
CA LYS B 134 -18.88 21.93 18.06
C LYS B 134 -18.56 20.77 18.98
N THR B 135 -19.58 19.99 19.29
CA THR B 135 -19.34 18.77 19.99
C THR B 135 -18.53 17.74 19.14
N VAL B 136 -17.90 16.80 19.80
CA VAL B 136 -17.14 15.81 19.05
CA VAL B 136 -17.15 15.81 19.07
C VAL B 136 -18.10 15.01 18.16
N GLU B 137 -19.31 14.68 18.60
CA GLU B 137 -20.26 13.98 17.74
C GLU B 137 -20.71 14.76 16.51
N THR B 138 -20.79 16.13 16.68
CA THR B 138 -21.03 16.92 15.49
CA THR B 138 -21.09 16.89 15.47
C THR B 138 -19.85 16.85 14.49
N GLN B 139 -18.63 16.85 15.06
CA GLN B 139 -17.43 16.73 14.23
C GLN B 139 -17.41 15.36 13.47
N VAL B 140 -17.74 14.28 14.20
CA VAL B 140 -17.90 13.00 13.58
C VAL B 140 -18.89 13.07 12.44
N ALA B 141 -20.08 13.59 12.74
CA ALA B 141 -21.11 13.65 11.72
C ALA B 141 -20.65 14.41 10.47
N GLU B 142 -19.98 15.52 10.66
CA GLU B 142 -19.56 16.34 9.57
C GLU B 142 -18.40 15.74 8.80
N LEU B 143 -17.32 15.33 9.47
CA LEU B 143 -16.12 14.88 8.85
C LEU B 143 -16.39 13.48 8.24
N ILE B 144 -16.91 12.55 9.01
CA ILE B 144 -17.19 11.22 8.50
C ILE B 144 -18.35 11.23 7.58
N GLY B 145 -19.38 12.08 7.83
CA GLY B 145 -20.45 12.16 6.87
C GLY B 145 -20.09 12.64 5.52
N THR B 146 -19.52 13.81 5.45
CA THR B 146 -19.21 14.39 4.15
C THR B 146 -18.21 13.51 3.41
N ASN B 147 -17.20 13.00 4.09
CA ASN B 147 -16.08 12.35 3.42
C ASN B 147 -16.32 10.92 3.13
N ALA B 148 -17.26 10.28 3.80
CA ALA B 148 -17.47 8.88 3.66
C ALA B 148 -18.88 8.39 3.57
N ILE B 149 -19.71 8.77 4.55
CA ILE B 149 -21.05 8.20 4.58
CA ILE B 149 -21.08 8.26 4.63
C ILE B 149 -21.94 8.80 3.46
N ALA B 150 -21.85 10.09 3.18
CA ALA B 150 -22.58 10.64 2.02
C ALA B 150 -22.12 10.01 0.72
N PRO B 151 -20.80 9.86 0.47
CA PRO B 151 -20.42 9.08 -0.72
C PRO B 151 -21.01 7.71 -0.79
N PHE B 152 -21.08 7.03 0.36
CA PHE B 152 -21.63 5.69 0.43
C PHE B 152 -23.11 5.69 0.05
N LEU B 153 -23.87 6.60 0.63
CA LEU B 153 -25.31 6.71 0.34
C LEU B 153 -25.60 7.14 -1.08
N LEU B 154 -24.80 8.12 -1.57
CA LEU B 154 -24.91 8.54 -2.99
C LEU B 154 -24.60 7.36 -3.93
N THR B 155 -23.60 6.57 -3.60
CA THR B 155 -23.25 5.42 -4.39
C THR B 155 -24.41 4.42 -4.41
N MET B 156 -25.02 4.21 -3.24
CA MET B 156 -26.18 3.28 -3.19
CA MET B 156 -26.15 3.29 -3.19
C MET B 156 -27.32 3.82 -4.07
N SER B 157 -27.64 5.08 -3.96
CA SER B 157 -28.76 5.67 -4.74
C SER B 157 -28.44 5.70 -6.23
N PHE B 158 -27.20 6.00 -6.60
CA PHE B 158 -26.74 5.96 -8.00
C PHE B 158 -26.93 4.55 -8.58
N ALA B 159 -26.46 3.56 -7.86
CA ALA B 159 -26.60 2.22 -8.40
C ALA B 159 -28.00 1.69 -8.43
N GLN B 160 -28.77 2.01 -7.44
CA GLN B 160 -30.15 1.50 -7.39
C GLN B 160 -30.99 2.06 -8.53
N ARG B 161 -30.69 3.29 -8.93
CA ARG B 161 -31.42 3.93 -10.03
C ARG B 161 -30.99 3.42 -11.42
N GLN B 162 -29.91 2.66 -11.51
CA GLN B 162 -29.46 2.14 -12.86
C GLN B 162 -30.08 0.72 -13.14
N ASN B 173 -21.36 3.78 -20.30
CA ASN B 173 -20.22 4.23 -19.53
C ASN B 173 -20.57 4.91 -18.22
N LEU B 174 -20.96 4.12 -17.28
CA LEU B 174 -21.35 4.62 -15.91
C LEU B 174 -20.14 4.59 -15.03
N SER B 175 -19.86 5.69 -14.33
CA SER B 175 -18.70 5.72 -13.43
C SER B 175 -18.74 6.74 -12.29
N ILE B 176 -18.27 6.29 -11.12
CA ILE B 176 -18.18 7.12 -9.92
C ILE B 176 -16.74 7.45 -9.70
N VAL B 177 -16.48 8.72 -9.34
CA VAL B 177 -15.15 9.18 -8.97
C VAL B 177 -15.18 9.82 -7.60
N ASN B 178 -14.35 9.30 -6.72
CA ASN B 178 -14.25 9.82 -5.36
C ASN B 178 -12.99 10.64 -5.16
N LEU B 179 -13.13 11.81 -4.59
CA LEU B 179 -11.97 12.69 -4.34
C LEU B 179 -11.37 12.25 -3.00
N CYS B 180 -10.21 11.65 -3.09
CA CYS B 180 -9.45 11.07 -2.00
C CYS B 180 -8.35 12.03 -1.55
N ASP B 181 -7.30 11.55 -0.91
CA ASP B 181 -6.21 12.42 -0.44
C ASP B 181 -4.92 11.63 -0.60
N ALA B 182 -3.97 12.13 -1.34
CA ALA B 182 -2.73 11.42 -1.59
C ALA B 182 -1.88 11.27 -0.26
N MET B 183 -2.16 12.11 0.72
CA MET B 183 -1.36 12.11 1.91
C MET B 183 -2.02 11.33 3.05
N VAL B 184 -2.95 10.43 2.72
CA VAL B 184 -3.71 9.76 3.75
C VAL B 184 -2.84 8.88 4.63
N ASP B 185 -1.67 8.42 4.19
CA ASP B 185 -0.71 7.64 5.01
C ASP B 185 0.38 8.42 5.64
N GLN B 186 0.39 9.73 5.50
CA GLN B 186 1.34 10.61 6.18
C GLN B 186 0.49 11.83 6.58
N PRO B 187 -0.40 11.60 7.50
CA PRO B 187 -1.44 12.65 7.72
C PRO B 187 -0.97 13.85 8.45
N CYS B 188 -1.77 14.90 8.33
CA CYS B 188 -1.47 16.10 9.12
C CYS B 188 -1.74 15.85 10.59
N MET B 189 -0.95 16.46 11.43
CA MET B 189 -1.10 16.32 12.80
C MET B 189 -2.44 16.91 13.31
N ALA B 190 -3.17 16.10 14.15
CA ALA B 190 -4.39 16.53 14.71
C ALA B 190 -5.62 16.48 13.82
N PHE B 191 -5.50 15.79 12.70
CA PHE B 191 -6.60 15.60 11.70
C PHE B 191 -7.15 14.19 11.74
N SER B 192 -7.28 13.57 12.90
CA SER B 192 -7.64 12.17 12.87
CA SER B 192 -7.69 12.16 12.95
C SER B 192 -9.00 11.90 12.25
N LEU B 193 -10.05 12.65 12.57
CA LEU B 193 -11.34 12.32 12.01
C LEU B 193 -11.38 12.50 10.47
N TYR B 194 -10.76 13.58 9.99
CA TYR B 194 -10.66 13.85 8.56
C TYR B 194 -9.93 12.67 7.93
N ASN B 195 -8.83 12.22 8.51
CA ASN B 195 -8.04 11.13 7.90
C ASN B 195 -8.83 9.83 7.95
N MET B 196 -9.54 9.58 9.05
CA MET B 196 -10.40 8.43 9.13
C MET B 196 -11.43 8.41 7.99
N GLY B 197 -12.04 9.59 7.74
CA GLY B 197 -13.00 9.74 6.69
C GLY B 197 -12.43 9.44 5.33
N LYS B 198 -11.26 9.97 5.03
CA LYS B 198 -10.60 9.69 3.75
C LYS B 198 -10.15 8.27 3.60
N HIS B 199 -9.69 7.65 4.69
CA HIS B 199 -9.38 6.23 4.59
C HIS B 199 -10.63 5.42 4.31
N ALA B 200 -11.75 5.76 4.97
CA ALA B 200 -13.01 5.07 4.71
C ALA B 200 -13.40 5.24 3.28
N LEU B 201 -13.13 6.38 2.65
CA LEU B 201 -13.51 6.58 1.26
C LEU B 201 -12.65 5.71 0.34
N VAL B 202 -11.41 5.41 0.69
CA VAL B 202 -10.62 4.46 -0.09
C VAL B 202 -11.31 3.07 0.01
N GLY B 203 -11.76 2.67 1.21
CA GLY B 203 -12.44 1.46 1.33
C GLY B 203 -13.70 1.42 0.52
N LEU B 204 -14.47 2.48 0.53
CA LEU B 204 -15.68 2.53 -0.33
C LEU B 204 -15.32 2.38 -1.77
N THR B 205 -14.31 3.07 -2.24
CA THR B 205 -13.91 3.05 -3.64
C THR B 205 -13.64 1.57 -4.03
N GLN B 206 -12.87 0.89 -3.21
CA GLN B 206 -12.56 -0.49 -3.54
C GLN B 206 -13.73 -1.48 -3.42
N SER B 207 -14.47 -1.35 -2.33
CA SER B 207 -15.64 -2.21 -2.11
C SER B 207 -16.71 -2.03 -3.18
N ALA B 208 -16.96 -0.76 -3.51
CA ALA B 208 -17.96 -0.42 -4.52
C ALA B 208 -17.49 -0.84 -5.90
N ALA B 209 -16.22 -0.70 -6.20
CA ALA B 209 -15.72 -1.12 -7.47
C ALA B 209 -16.02 -2.64 -7.63
N LEU B 210 -15.73 -3.40 -6.60
CA LEU B 210 -15.93 -4.85 -6.67
CA LEU B 210 -15.96 -4.84 -6.70
C LEU B 210 -17.41 -5.16 -6.86
N GLU B 211 -18.25 -4.55 -6.05
CA GLU B 211 -19.66 -4.93 -6.01
C GLU B 211 -20.48 -4.42 -7.20
N LEU B 212 -20.07 -3.29 -7.75
CA LEU B 212 -20.79 -2.65 -8.84
C LEU B 212 -20.25 -3.05 -10.24
N ALA B 213 -19.09 -3.71 -10.28
CA ALA B 213 -18.56 -4.21 -11.60
C ALA B 213 -19.57 -5.02 -12.36
N PRO B 214 -20.36 -5.89 -11.73
CA PRO B 214 -21.32 -6.67 -12.59
C PRO B 214 -22.40 -5.83 -13.23
N TYR B 215 -22.70 -4.63 -12.69
CA TYR B 215 -23.58 -3.73 -13.29
C TYR B 215 -22.92 -2.77 -14.31
N GLY B 216 -21.64 -2.93 -14.56
CA GLY B 216 -20.95 -2.08 -15.47
C GLY B 216 -20.58 -0.72 -14.91
N ILE B 217 -20.64 -0.56 -13.60
CA ILE B 217 -20.35 0.76 -13.02
C ILE B 217 -18.92 0.70 -12.53
N ARG B 218 -18.06 1.59 -13.03
CA ARG B 218 -16.67 1.69 -12.55
C ARG B 218 -16.59 2.68 -11.38
N VAL B 219 -15.70 2.40 -10.43
CA VAL B 219 -15.59 3.27 -9.29
C VAL B 219 -14.12 3.49 -9.06
N ASN B 220 -13.67 4.74 -9.08
CA ASN B 220 -12.26 5.11 -8.98
C ASN B 220 -12.11 6.35 -8.13
N GLY B 221 -10.86 6.68 -7.82
CA GLY B 221 -10.54 7.84 -7.06
C GLY B 221 -9.51 8.70 -7.70
N VAL B 222 -9.52 9.99 -7.34
CA VAL B 222 -8.46 10.98 -7.67
C VAL B 222 -7.99 11.55 -6.33
N ALA B 223 -6.69 11.46 -6.11
CA ALA B 223 -6.12 11.83 -4.83
C ALA B 223 -5.19 13.02 -4.94
N PRO B 224 -5.64 14.24 -4.71
CA PRO B 224 -4.75 15.39 -4.70
C PRO B 224 -3.79 15.30 -3.53
N GLY B 225 -2.63 15.98 -3.75
CA GLY B 225 -1.68 16.26 -2.66
C GLY B 225 -2.00 17.63 -2.10
N VAL B 226 -1.26 18.62 -2.55
CA VAL B 226 -1.72 19.98 -2.31
CA VAL B 226 -1.60 20.03 -2.30
C VAL B 226 -2.20 20.56 -3.58
N SER B 227 -3.43 21.01 -3.57
CA SER B 227 -4.09 21.71 -4.69
C SER B 227 -4.49 23.02 -4.05
N LEU B 228 -5.57 23.65 -4.46
CA LEU B 228 -5.86 24.95 -4.00
C LEU B 228 -5.76 25.08 -2.51
N LEU B 229 -4.98 26.10 -2.09
CA LEU B 229 -4.70 26.27 -0.69
C LEU B 229 -5.87 26.99 -0.05
N PRO B 230 -6.01 26.91 1.27
CA PRO B 230 -7.11 27.60 1.96
C PRO B 230 -7.18 29.07 1.53
N VAL B 231 -8.35 29.68 1.62
CA VAL B 231 -8.52 31.13 1.20
C VAL B 231 -7.65 32.06 2.08
N ALA B 232 -7.74 31.76 3.38
CA ALA B 232 -7.16 32.84 4.34
C ALA B 232 -5.60 32.73 4.52
N MET B 233 -5.05 31.61 3.97
CA MET B 233 -3.74 31.13 4.37
C MET B 233 -2.71 32.22 3.90
N GLY B 234 -1.78 32.70 4.76
CA GLY B 234 -0.79 33.61 4.32
C GLY B 234 0.09 33.03 3.22
N GLU B 235 0.51 33.91 2.28
CA GLU B 235 1.51 33.45 1.23
C GLU B 235 2.71 32.78 1.82
N GLU B 236 3.17 33.22 2.98
CA GLU B 236 4.35 32.67 3.62
C GLU B 236 4.13 31.20 3.95
N GLU B 237 2.92 30.90 4.40
CA GLU B 237 2.53 29.53 4.76
C GLU B 237 2.25 28.71 3.46
N LYS B 238 1.62 29.34 2.46
CA LYS B 238 1.35 28.64 1.19
C LYS B 238 2.63 28.26 0.55
N ASP B 239 3.66 29.16 0.64
CA ASP B 239 4.92 28.85 0.04
C ASP B 239 5.65 27.73 0.76
N LYS B 240 5.47 27.54 2.09
CA LYS B 240 6.12 26.39 2.80
C LYS B 240 5.54 25.10 2.14
N TRP B 241 4.27 25.07 1.80
CA TRP B 241 3.69 23.82 1.20
C TRP B 241 4.15 23.68 -0.24
N ARG B 242 4.12 24.77 -0.98
CA ARG B 242 4.55 24.79 -2.37
C ARG B 242 6.01 24.33 -2.54
N ARG B 243 6.89 24.72 -1.62
CA ARG B 243 8.30 24.31 -1.73
C ARG B 243 8.56 22.85 -1.49
N LYS B 244 7.62 22.14 -0.88
CA LYS B 244 7.74 20.68 -0.70
C LYS B 244 7.45 19.90 -1.95
N VAL B 245 6.76 20.46 -2.92
CA VAL B 245 6.28 19.67 -4.08
C VAL B 245 7.43 19.48 -5.09
N PRO B 246 7.85 18.25 -5.35
CA PRO B 246 8.98 18.05 -6.28
C PRO B 246 8.77 18.68 -7.64
N LEU B 247 7.55 18.44 -8.14
CA LEU B 247 7.15 18.84 -9.47
C LEU B 247 6.75 20.28 -9.70
N GLY B 248 7.73 21.16 -9.77
CA GLY B 248 7.42 22.54 -10.05
C GLY B 248 7.27 23.37 -8.83
N ARG B 249 7.39 22.83 -7.64
CA ARG B 249 7.31 23.60 -6.38
C ARG B 249 6.09 24.51 -6.42
N ARG B 250 4.95 23.91 -6.73
CA ARG B 250 3.65 24.58 -6.81
C ARG B 250 2.57 23.57 -6.50
N GLU B 251 1.43 24.12 -6.04
CA GLU B 251 0.24 23.29 -5.89
C GLU B 251 -0.46 23.04 -7.16
N ALA B 252 -1.24 21.93 -7.23
CA ALA B 252 -2.05 21.64 -8.38
C ALA B 252 -3.14 22.69 -8.59
N SER B 253 -3.42 23.07 -9.81
CA SER B 253 -4.61 23.80 -10.05
C SER B 253 -5.85 22.91 -9.91
N ALA B 254 -7.00 23.54 -9.72
CA ALA B 254 -8.23 22.78 -9.76
C ALA B 254 -8.41 22.09 -11.05
N GLU B 255 -7.99 22.76 -12.12
CA GLU B 255 -8.11 22.20 -13.46
C GLU B 255 -7.34 20.90 -13.63
N GLN B 256 -6.17 20.79 -13.19
CA GLN B 256 -5.30 19.60 -13.16
C GLN B 256 -5.94 18.50 -12.34
N ILE B 257 -6.58 18.75 -11.29
CA ILE B 257 -7.33 17.67 -10.61
C ILE B 257 -8.45 17.23 -11.50
N ALA B 258 -9.23 18.21 -12.03
CA ALA B 258 -10.31 17.89 -12.92
C ALA B 258 -9.93 17.07 -14.10
N ASP B 259 -8.74 17.30 -14.68
CA ASP B 259 -8.30 16.49 -15.81
C ASP B 259 -8.25 14.99 -15.51
N ALA B 260 -7.86 14.63 -14.28
CA ALA B 260 -7.83 13.20 -13.91
C ALA B 260 -9.20 12.63 -13.78
N VAL B 261 -10.15 13.46 -13.29
CA VAL B 261 -11.55 13.01 -13.23
C VAL B 261 -12.07 12.79 -14.66
N ILE B 262 -11.82 13.69 -15.59
CA ILE B 262 -12.25 13.54 -16.96
C ILE B 262 -11.68 12.31 -17.61
N PHE B 263 -10.42 11.98 -17.32
CA PHE B 263 -9.86 10.74 -17.83
C PHE B 263 -10.62 9.54 -17.30
N LEU B 264 -10.88 9.51 -15.97
CA LEU B 264 -11.50 8.31 -15.35
C LEU B 264 -12.90 8.09 -15.82
N VAL B 265 -13.65 9.13 -16.19
CA VAL B 265 -15.02 8.93 -16.69
C VAL B 265 -15.10 8.65 -18.16
N SER B 266 -13.98 8.78 -18.85
CA SER B 266 -13.91 8.65 -20.33
C SER B 266 -13.86 7.21 -20.79
N GLY B 267 -14.02 7.03 -22.07
CA GLY B 267 -13.86 5.76 -22.70
C GLY B 267 -12.44 5.24 -22.68
N SER B 268 -11.49 6.12 -22.45
CA SER B 268 -10.07 5.76 -22.31
C SER B 268 -9.74 5.04 -21.01
N ALA B 269 -10.72 4.97 -20.09
CA ALA B 269 -10.56 4.34 -18.81
C ALA B 269 -11.56 3.18 -18.61
N GLN B 270 -12.09 2.60 -19.71
CA GLN B 270 -13.13 1.60 -19.62
C GLN B 270 -12.81 0.35 -18.86
N TYR B 271 -11.54 0.01 -18.72
CA TYR B 271 -11.09 -1.18 -17.97
C TYR B 271 -10.62 -0.83 -16.57
N ILE B 272 -10.64 0.45 -16.19
CA ILE B 272 -10.11 0.92 -14.93
C ILE B 272 -11.25 0.99 -13.90
N THR B 273 -11.08 0.17 -12.83
CA THR B 273 -11.99 0.28 -11.66
C THR B 273 -11.24 -0.12 -10.43
N GLY B 274 -11.60 0.55 -9.36
CA GLY B 274 -10.90 0.35 -8.11
C GLY B 274 -9.56 1.05 -7.99
N SER B 275 -9.21 1.93 -8.90
CA SER B 275 -7.92 2.61 -8.94
C SER B 275 -8.03 3.99 -8.34
N ILE B 276 -7.02 4.37 -7.65
CA ILE B 276 -6.90 5.73 -7.14
C ILE B 276 -5.69 6.41 -7.75
N ILE B 277 -5.89 7.45 -8.55
CA ILE B 277 -4.84 8.15 -9.24
C ILE B 277 -4.35 9.35 -8.41
N LYS B 278 -3.11 9.28 -7.91
CA LYS B 278 -2.55 10.43 -7.25
C LYS B 278 -2.27 11.53 -8.25
N VAL B 279 -2.61 12.78 -7.88
CA VAL B 279 -2.36 13.95 -8.71
C VAL B 279 -1.69 14.91 -7.77
N ASP B 280 -0.42 14.60 -7.47
CA ASP B 280 0.27 15.25 -6.33
C ASP B 280 1.67 15.79 -6.58
N GLY B 281 2.13 15.75 -7.80
CA GLY B 281 3.43 16.35 -8.11
C GLY B 281 4.59 15.65 -7.42
N GLY B 282 4.37 14.43 -6.94
CA GLY B 282 5.33 13.68 -6.18
C GLY B 282 5.39 13.94 -4.71
N LEU B 283 4.43 14.75 -4.15
CA LEU B 283 4.54 15.14 -2.76
C LEU B 283 4.50 13.93 -1.79
N SER B 284 3.68 12.89 -2.09
CA SER B 284 3.61 11.75 -1.24
C SER B 284 4.83 10.90 -1.20
N LEU B 285 5.77 11.15 -2.11
CA LEU B 285 7.01 10.40 -2.17
C LEU B 285 8.12 11.06 -1.31
N VAL B 286 7.88 12.23 -0.74
CA VAL B 286 8.91 13.00 -0.03
C VAL B 286 8.96 12.61 1.42
N HIS B 287 10.11 12.18 1.88
CA HIS B 287 10.25 11.89 3.31
C HIS B 287 10.32 13.13 4.19
N ALA B 288 10.10 12.90 5.48
CA ALA B 288 10.25 13.97 6.49
C ALA B 288 11.57 14.68 6.52
N ALA C 23 18.72 -27.89 20.30
CA ALA C 23 18.81 -26.44 20.10
C ALA C 23 18.85 -26.10 18.61
N PRO C 24 18.01 -25.14 18.21
CA PRO C 24 17.94 -24.73 16.84
C PRO C 24 19.16 -23.91 16.47
N ALA C 25 19.30 -23.69 15.15
CA ALA C 25 20.44 -23.00 14.56
C ALA C 25 19.95 -21.92 13.58
N ALA C 26 20.71 -20.84 13.55
CA ALA C 26 20.35 -19.67 12.70
C ALA C 26 21.59 -19.21 11.91
N VAL C 27 21.34 -18.77 10.66
CA VAL C 27 22.35 -18.00 9.89
C VAL C 27 22.01 -16.53 9.94
N VAL C 28 22.93 -15.67 10.25
CA VAL C 28 22.76 -14.22 10.16
C VAL C 28 23.79 -13.67 9.20
N THR C 29 23.32 -13.04 8.13
CA THR C 29 24.27 -12.43 7.20
C THR C 29 24.68 -11.04 7.68
N GLY C 30 25.88 -10.65 7.37
CA GLY C 30 26.39 -9.36 7.84
C GLY C 30 26.39 -9.20 9.40
N ALA C 31 26.74 -10.28 10.10
CA ALA C 31 26.56 -10.38 11.53
C ALA C 31 27.67 -9.83 12.36
N ALA C 32 28.75 -9.33 11.79
CA ALA C 32 29.82 -8.85 12.60
C ALA C 32 29.67 -7.59 13.34
N LYS C 33 28.76 -6.76 12.84
CA LYS C 33 28.66 -5.39 13.31
C LYS C 33 27.16 -4.96 13.36
N ARG C 34 26.90 -3.91 14.19
CA ARG C 34 25.66 -3.20 14.05
C ARG C 34 24.42 -4.08 14.20
N ILE C 35 23.45 -3.97 13.29
CA ILE C 35 22.21 -4.67 13.50
C ILE C 35 22.39 -6.15 13.44
N GLY C 36 23.22 -6.65 12.49
CA GLY C 36 23.37 -8.10 12.44
C GLY C 36 24.01 -8.70 13.66
N ARG C 37 24.96 -7.94 14.23
CA ARG C 37 25.61 -8.42 15.45
C ARG C 37 24.60 -8.52 16.59
N ALA C 38 23.72 -7.48 16.70
CA ALA C 38 22.71 -7.51 17.74
C ALA C 38 21.69 -8.63 17.60
N ILE C 39 21.33 -8.93 16.30
CA ILE C 39 20.48 -10.04 16.02
C ILE C 39 21.10 -11.37 16.45
N ALA C 40 22.38 -11.55 16.02
CA ALA C 40 23.11 -12.77 16.41
C ALA C 40 23.19 -12.96 17.92
N VAL C 41 23.51 -11.85 18.61
CA VAL C 41 23.51 -11.97 20.11
C VAL C 41 22.20 -12.34 20.69
N LYS C 42 21.10 -11.69 20.21
CA LYS C 42 19.85 -12.03 20.81
C LYS C 42 19.38 -13.39 20.46
N LEU C 43 19.67 -13.87 19.20
CA LEU C 43 19.23 -15.23 18.88
C LEU C 43 20.00 -16.21 19.83
N HIS C 44 21.30 -15.95 19.95
CA HIS C 44 22.16 -16.80 20.85
C HIS C 44 21.58 -16.83 22.28
N GLN C 45 21.19 -15.62 22.76
CA GLN C 45 20.63 -15.51 24.15
C GLN C 45 19.36 -16.30 24.27
N THR C 46 18.57 -16.42 23.17
CA THR C 46 17.35 -17.18 23.11
C THR C 46 17.56 -18.69 23.07
N GLY C 47 18.83 -19.14 22.80
CA GLY C 47 19.09 -20.56 22.74
C GLY C 47 19.57 -21.05 21.39
N TYR C 48 19.68 -20.19 20.37
CA TYR C 48 20.15 -20.60 19.06
C TYR C 48 21.68 -20.77 19.04
N ARG C 49 22.08 -21.73 18.24
CA ARG C 49 23.48 -21.78 17.68
C ARG C 49 23.47 -20.92 16.46
N VAL C 50 24.55 -20.21 16.22
CA VAL C 50 24.59 -19.20 15.14
CA VAL C 50 24.59 -19.16 15.16
C VAL C 50 25.80 -19.33 14.20
N VAL C 51 25.50 -19.09 12.93
CA VAL C 51 26.52 -18.85 11.89
C VAL C 51 26.63 -17.35 11.72
N ILE C 52 27.74 -16.77 11.95
CA ILE C 52 28.11 -15.37 11.81
C ILE C 52 28.74 -15.18 10.49
N HIS C 53 27.97 -14.71 9.49
CA HIS C 53 28.48 -14.45 8.18
C HIS C 53 29.20 -13.10 8.15
N TYR C 54 30.27 -13.00 7.36
CA TYR C 54 30.96 -11.73 7.17
C TYR C 54 31.62 -11.74 5.77
N HIS C 55 31.93 -10.55 5.28
CA HIS C 55 32.61 -10.41 4.01
C HIS C 55 34.03 -9.90 4.36
N ASN C 56 34.17 -8.67 4.82
CA ASN C 56 35.48 -8.10 5.15
C ASN C 56 35.83 -8.07 6.63
N SER C 57 34.82 -8.25 7.48
CA SER C 57 35.04 -8.05 8.93
C SER C 57 35.39 -9.28 9.76
N ALA C 58 36.45 -9.97 9.34
CA ALA C 58 36.79 -11.25 9.92
C ALA C 58 37.11 -11.09 11.41
N GLU C 59 37.86 -10.03 11.74
CA GLU C 59 38.29 -9.85 13.16
C GLU C 59 37.04 -9.70 14.06
N ALA C 60 36.11 -8.82 13.62
CA ALA C 60 34.93 -8.60 14.40
C ALA C 60 34.04 -9.87 14.49
N ALA C 61 33.96 -10.60 13.34
CA ALA C 61 33.21 -11.83 13.33
C ALA C 61 33.71 -12.84 14.36
N VAL C 62 35.03 -13.04 14.32
CA VAL C 62 35.64 -13.99 15.24
C VAL C 62 35.57 -13.48 16.72
N SER C 63 35.70 -12.16 16.96
CA SER C 63 35.52 -11.61 18.31
CA SER C 63 35.53 -11.68 18.34
C SER C 63 34.10 -11.94 18.84
N LEU C 64 33.07 -11.77 17.93
CA LEU C 64 31.71 -12.12 18.37
C LEU C 64 31.60 -13.57 18.67
N ALA C 65 32.13 -14.40 17.75
CA ALA C 65 31.99 -15.85 17.97
C ALA C 65 32.71 -16.26 19.30
N ASP C 66 33.83 -15.60 19.59
CA ASP C 66 34.55 -15.83 20.82
C ASP C 66 33.66 -15.50 22.03
N GLU C 67 32.98 -14.35 21.99
CA GLU C 67 32.11 -13.99 23.13
C GLU C 67 30.97 -15.01 23.32
N LEU C 68 30.34 -15.41 22.24
CA LEU C 68 29.22 -16.31 22.29
C LEU C 68 29.67 -17.71 22.75
N ASN C 69 30.78 -18.19 22.21
CA ASN C 69 31.28 -19.53 22.60
C ASN C 69 31.81 -19.57 24.08
N LYS C 70 32.24 -18.43 24.59
CA LYS C 70 32.62 -18.37 25.99
C LYS C 70 31.34 -18.55 26.85
N GLU C 71 30.14 -18.16 26.38
CA GLU C 71 28.90 -18.37 27.16
C GLU C 71 28.50 -19.80 27.03
N ARG C 72 28.54 -20.35 25.80
CA ARG C 72 28.12 -21.77 25.61
C ARG C 72 29.06 -22.31 24.50
N SER C 73 29.88 -23.30 24.85
CA SER C 73 30.88 -23.79 23.92
CA SER C 73 30.87 -23.83 23.95
CA SER C 73 30.87 -23.85 23.96
C SER C 73 30.26 -24.36 22.62
N ASN C 74 30.98 -24.09 21.51
CA ASN C 74 30.67 -24.61 20.19
C ASN C 74 29.23 -24.28 19.76
N THR C 75 28.82 -23.07 20.08
CA THR C 75 27.49 -22.63 19.64
C THR C 75 27.59 -21.51 18.63
N ALA C 76 28.75 -21.10 18.18
CA ALA C 76 28.86 -19.98 17.19
C ALA C 76 30.04 -20.32 16.23
N VAL C 77 29.78 -20.27 14.94
CA VAL C 77 30.87 -20.33 13.94
C VAL C 77 30.81 -19.14 13.01
N VAL C 78 31.87 -18.87 12.28
CA VAL C 78 31.89 -17.87 11.28
C VAL C 78 31.93 -18.46 9.89
N CYS C 79 31.44 -17.61 8.92
CA CYS C 79 31.45 -18.01 7.49
C CYS C 79 31.68 -16.84 6.66
N GLN C 80 32.73 -16.86 5.83
CA GLN C 80 33.14 -15.74 4.94
C GLN C 80 32.41 -15.95 3.59
N ALA C 81 31.83 -14.85 3.10
CA ALA C 81 31.35 -14.80 1.71
C ALA C 81 31.14 -13.40 1.24
N ASP C 82 31.59 -13.13 0.01
CA ASP C 82 31.13 -11.88 -0.72
C ASP C 82 29.78 -12.10 -1.27
N LEU C 83 28.81 -11.21 -0.94
CA LEU C 83 27.46 -11.32 -1.37
C LEU C 83 27.10 -10.42 -2.62
N THR C 84 28.14 -9.87 -3.21
CA THR C 84 28.00 -9.20 -4.51
C THR C 84 27.48 -10.18 -5.53
N ASN C 85 26.62 -9.76 -6.46
CA ASN C 85 26.19 -10.77 -7.49
C ASN C 85 27.41 -11.03 -8.44
N SER C 86 27.59 -12.31 -8.77
CA SER C 86 28.66 -12.77 -9.64
C SER C 86 28.41 -14.25 -9.93
N ASN C 87 28.90 -14.72 -11.06
CA ASN C 87 28.75 -16.10 -11.45
C ASN C 87 28.80 -17.04 -10.26
N VAL C 88 29.70 -16.76 -9.35
CA VAL C 88 29.90 -17.62 -8.15
C VAL C 88 28.93 -17.37 -6.95
N LEU C 89 28.07 -16.36 -7.05
CA LEU C 89 27.21 -16.09 -5.85
C LEU C 89 26.31 -17.25 -5.49
N PRO C 90 25.71 -17.99 -6.44
CA PRO C 90 24.93 -19.10 -6.01
C PRO C 90 25.71 -20.12 -5.13
N ALA C 91 26.92 -20.46 -5.55
CA ALA C 91 27.75 -21.39 -4.77
C ALA C 91 28.07 -20.82 -3.42
N SER C 92 28.40 -19.53 -3.33
CA SER C 92 28.70 -18.91 -2.12
C SER C 92 27.52 -18.99 -1.14
N CYS C 93 26.34 -18.76 -1.60
CA CYS C 93 25.14 -18.83 -0.79
C CYS C 93 24.81 -20.23 -0.38
N GLU C 94 25.02 -21.22 -1.26
CA GLU C 94 24.81 -22.62 -0.86
C GLU C 94 25.87 -22.93 0.27
N GLU C 95 27.09 -22.39 0.16
CA GLU C 95 28.12 -22.60 1.17
C GLU C 95 27.69 -22.08 2.54
N ILE C 96 27.11 -20.89 2.57
CA ILE C 96 26.67 -20.32 3.84
C ILE C 96 25.65 -21.24 4.54
N ILE C 97 24.65 -21.70 3.79
CA ILE C 97 23.67 -22.58 4.35
C ILE C 97 24.31 -23.94 4.77
N ASN C 98 25.17 -24.45 3.89
CA ASN C 98 25.81 -25.71 4.18
C ASN C 98 26.63 -25.61 5.46
N SER C 99 27.26 -24.46 5.70
CA SER C 99 28.10 -24.28 6.88
CA SER C 99 28.09 -24.27 6.89
C SER C 99 27.28 -24.46 8.15
N CYS C 100 26.02 -24.02 8.13
CA CYS C 100 25.16 -24.20 9.27
C CYS C 100 24.82 -25.67 9.50
N PHE C 101 24.48 -26.39 8.46
CA PHE C 101 24.25 -27.81 8.56
C PHE C 101 25.52 -28.59 9.01
N ARG C 102 26.65 -28.18 8.50
CA ARG C 102 27.84 -28.91 8.94
CA ARG C 102 27.95 -28.83 8.92
C ARG C 102 28.18 -28.64 10.40
N ALA C 103 28.05 -27.43 10.89
CA ALA C 103 28.34 -27.08 12.31
C ALA C 103 27.33 -27.67 13.28
N PHE C 104 26.06 -27.61 12.92
CA PHE C 104 24.97 -27.78 13.84
C PHE C 104 24.03 -28.86 13.48
N GLY C 105 24.05 -29.39 12.25
CA GLY C 105 23.18 -30.49 11.85
C GLY C 105 21.78 -30.10 11.37
N ARG C 106 21.56 -28.76 11.35
CA ARG C 106 20.21 -28.24 11.07
C ARG C 106 20.37 -26.79 10.73
N CYS C 107 19.29 -26.20 10.14
CA CYS C 107 19.27 -24.72 9.91
C CYS C 107 17.81 -24.27 9.95
N ASP C 108 17.45 -23.72 11.08
CA ASP C 108 16.04 -23.37 11.39
C ASP C 108 15.67 -21.99 10.95
N VAL C 109 16.59 -21.07 11.00
CA VAL C 109 16.37 -19.62 10.78
C VAL C 109 17.44 -19.07 9.89
N LEU C 110 16.98 -18.24 8.90
CA LEU C 110 17.86 -17.44 8.08
C LEU C 110 17.47 -16.00 8.26
N VAL C 111 18.42 -15.15 8.61
CA VAL C 111 18.24 -13.72 8.72
C VAL C 111 19.07 -13.05 7.62
N ASN C 112 18.37 -12.49 6.62
CA ASN C 112 19.00 -11.73 5.50
C ASN C 112 19.20 -10.28 5.94
N ASN C 113 20.29 -10.04 6.59
CA ASN C 113 20.63 -8.75 7.13
C ASN C 113 21.69 -7.95 6.36
N ALA C 114 22.62 -8.63 5.68
CA ALA C 114 23.68 -7.95 4.99
C ALA C 114 23.14 -6.96 3.96
N SER C 115 23.77 -5.80 3.83
CA SER C 115 23.28 -4.78 2.91
CA SER C 115 23.35 -4.87 2.81
C SER C 115 24.37 -3.82 2.52
N ALA C 116 24.35 -3.42 1.29
CA ALA C 116 25.11 -2.33 0.79
C ALA C 116 24.18 -1.14 0.68
N PHE C 117 24.78 0.03 0.90
CA PHE C 117 24.01 1.27 0.94
C PHE C 117 24.90 2.42 0.53
N TYR C 118 24.57 3.03 -0.58
CA TYR C 118 25.22 4.29 -1.05
C TYR C 118 24.42 4.84 -2.22
N PRO C 119 24.59 6.11 -2.52
CA PRO C 119 23.80 6.76 -3.60
C PRO C 119 24.28 6.41 -4.99
N THR C 120 23.34 6.41 -5.92
CA THR C 120 23.58 6.12 -7.33
C THR C 120 22.76 7.14 -8.13
N PRO C 121 23.27 8.39 -8.28
CA PRO C 121 22.46 9.40 -8.99
C PRO C 121 22.10 8.97 -10.40
N LEU C 122 20.94 9.42 -10.87
CA LEU C 122 20.47 9.17 -12.22
C LEU C 122 21.10 10.13 -13.19
N VAL C 123 21.51 11.30 -12.72
CA VAL C 123 22.14 12.32 -13.59
C VAL C 123 23.47 12.71 -13.02
N GLN C 124 24.52 12.82 -13.85
CA GLN C 124 25.94 13.02 -13.47
C GLN C 124 26.20 14.48 -13.57
N LYS C 134 33.47 3.23 -8.96
CA LYS C 134 32.75 2.02 -9.39
C LYS C 134 31.91 2.23 -10.64
N THR C 135 31.94 1.25 -11.56
CA THR C 135 31.05 1.35 -12.66
C THR C 135 29.58 1.11 -12.21
N VAL C 136 28.67 1.54 -13.09
CA VAL C 136 27.28 1.37 -12.72
CA VAL C 136 27.26 1.36 -12.79
C VAL C 136 26.94 -0.09 -12.60
N GLU C 137 27.48 -0.99 -13.41
CA GLU C 137 27.22 -2.35 -13.29
C GLU C 137 27.85 -3.00 -12.03
N THR C 138 28.95 -2.51 -11.57
CA THR C 138 29.43 -2.95 -10.23
C THR C 138 28.42 -2.50 -9.10
N GLN C 139 27.87 -1.32 -9.26
CA GLN C 139 26.84 -0.84 -8.31
C GLN C 139 25.60 -1.69 -8.34
N VAL C 140 25.20 -2.08 -9.54
CA VAL C 140 24.10 -3.03 -9.65
C VAL C 140 24.40 -4.35 -8.90
N ALA C 141 25.59 -4.85 -9.18
CA ALA C 141 26.01 -6.10 -8.55
C ALA C 141 26.01 -6.04 -7.00
N GLU C 142 26.44 -4.92 -6.45
CA GLU C 142 26.53 -4.78 -4.99
C GLU C 142 25.25 -4.34 -4.31
N LEU C 143 24.49 -3.46 -4.96
CA LEU C 143 23.26 -3.00 -4.36
C LEU C 143 22.18 -4.00 -4.61
N ILE C 144 21.94 -4.41 -5.82
CA ILE C 144 20.89 -5.41 -6.11
C ILE C 144 21.33 -6.76 -5.66
N GLY C 145 22.63 -7.10 -5.86
CA GLY C 145 23.13 -8.41 -5.41
C GLY C 145 23.04 -8.64 -3.93
N THR C 146 23.65 -7.75 -3.14
CA THR C 146 23.59 -7.94 -1.67
CA THR C 146 23.68 -7.99 -1.78
C THR C 146 22.23 -7.87 -1.14
N ASN C 147 21.42 -6.87 -1.65
CA ASN C 147 20.15 -6.58 -1.01
CA ASN C 147 20.23 -6.57 -0.98
C ASN C 147 19.01 -7.41 -1.44
N ALA C 148 19.11 -8.06 -2.62
CA ALA C 148 18.04 -8.80 -3.16
C ALA C 148 18.41 -10.20 -3.70
N ILE C 149 19.45 -10.25 -4.55
CA ILE C 149 19.74 -11.53 -5.17
C ILE C 149 20.34 -12.55 -4.17
N ALA C 150 21.24 -12.08 -3.31
CA ALA C 150 21.77 -12.99 -2.28
C ALA C 150 20.67 -13.50 -1.37
N PRO C 151 19.74 -12.64 -0.89
CA PRO C 151 18.61 -13.17 -0.17
C PRO C 151 17.82 -14.22 -0.89
N PHE C 152 17.59 -13.98 -2.21
CA PHE C 152 16.90 -14.96 -3.05
C PHE C 152 17.65 -16.28 -3.06
N LEU C 153 18.94 -16.23 -3.35
CA LEU C 153 19.72 -17.48 -3.43
C LEU C 153 19.87 -18.23 -2.11
N LEU C 154 20.03 -17.43 -1.02
CA LEU C 154 20.02 -18.00 0.33
C LEU C 154 18.70 -18.66 0.64
N THR C 155 17.60 -18.02 0.25
CA THR C 155 16.30 -18.58 0.46
C THR C 155 16.10 -19.90 -0.30
N MET C 156 16.58 -19.93 -1.54
CA MET C 156 16.53 -21.20 -2.31
CA MET C 156 16.52 -21.19 -2.29
C MET C 156 17.33 -22.29 -1.56
N SER C 157 18.56 -21.96 -1.20
CA SER C 157 19.42 -23.00 -0.57
C SER C 157 18.86 -23.44 0.76
N PHE C 158 18.32 -22.50 1.57
CA PHE C 158 17.68 -22.83 2.83
C PHE C 158 16.52 -23.78 2.61
N ALA C 159 15.65 -23.47 1.68
CA ALA C 159 14.48 -24.31 1.49
C ALA C 159 14.84 -25.67 0.93
N GLN C 160 15.78 -25.71 -0.02
CA GLN C 160 16.18 -26.96 -0.65
C GLN C 160 16.75 -27.99 0.32
N ARG C 161 17.43 -27.50 1.36
CA ARG C 161 18.05 -28.37 2.36
C ARG C 161 17.07 -28.91 3.41
N GLN C 162 15.88 -28.32 3.50
CA GLN C 162 14.89 -28.79 4.49
C GLN C 162 14.22 -30.07 3.97
N ASN C 173 9.98 -25.30 13.61
CA ASN C 173 9.57 -23.83 13.49
C ASN C 173 10.65 -23.14 12.57
N LEU C 174 10.46 -23.29 11.27
CA LEU C 174 11.50 -22.79 10.34
C LEU C 174 11.01 -21.36 9.83
N SER C 175 11.91 -20.39 9.79
CA SER C 175 11.51 -19.06 9.35
C SER C 175 12.65 -18.16 8.90
N ILE C 176 12.38 -17.43 7.83
CA ILE C 176 13.30 -16.49 7.23
C ILE C 176 12.85 -15.11 7.61
N VAL C 177 13.80 -14.23 7.98
CA VAL C 177 13.53 -12.83 8.23
C VAL C 177 14.42 -11.96 7.39
N ASN C 178 13.80 -11.10 6.57
CA ASN C 178 14.51 -10.16 5.71
C ASN C 178 14.53 -8.79 6.28
N LEU C 179 15.68 -8.15 6.26
CA LEU C 179 15.79 -6.79 6.77
C LEU C 179 15.45 -5.82 5.62
N CYS C 180 14.29 -5.21 5.74
CA CYS C 180 13.66 -4.36 4.76
C CYS C 180 13.97 -2.92 5.09
N ASP C 181 13.18 -1.99 4.65
CA ASP C 181 13.42 -0.57 4.93
CA ASP C 181 13.41 -0.52 4.77
C ASP C 181 12.07 0.15 5.01
N ALA C 182 11.82 0.78 6.16
CA ALA C 182 10.53 1.37 6.41
C ALA C 182 10.23 2.55 5.45
N MET C 183 11.32 3.13 4.92
CA MET C 183 11.19 4.28 4.03
C MET C 183 11.18 3.92 2.57
N VAL C 184 10.83 2.66 2.29
CA VAL C 184 10.85 2.15 0.91
C VAL C 184 9.97 2.94 -0.06
N ASP C 185 8.90 3.52 0.46
CA ASP C 185 8.00 4.34 -0.33
C ASP C 185 7.99 5.80 0.16
N GLN C 186 9.16 6.34 0.49
CA GLN C 186 9.52 7.72 0.55
CA GLN C 186 9.51 7.74 0.54
C GLN C 186 11.05 7.75 0.51
N PRO C 187 11.59 7.44 -0.63
CA PRO C 187 13.03 7.12 -0.60
C PRO C 187 13.97 8.28 -0.53
N CSX C 188 15.16 8.01 -0.08
CA CSX C 188 16.16 9.06 -0.11
CB CSX C 188 17.41 8.41 0.57
SG CSX C 188 17.20 8.04 2.28
C CSX C 188 16.53 9.45 -1.53
O CSX C 188 16.67 8.67 -2.40
OD CSX C 188 17.23 9.41 2.81
N MET C 189 16.75 10.75 -1.71
CA MET C 189 17.11 11.27 -2.96
C MET C 189 18.43 10.73 -3.48
N ALA C 190 18.41 10.25 -4.72
CA ALA C 190 19.60 9.76 -5.39
C ALA C 190 20.00 8.31 -5.01
N PHE C 191 19.07 7.59 -4.32
CA PHE C 191 19.31 6.22 -3.92
C PHE C 191 18.49 5.23 -4.74
N SER C 192 18.39 5.46 -6.04
CA SER C 192 17.50 4.59 -6.87
CA SER C 192 17.46 4.61 -6.80
C SER C 192 17.83 3.14 -6.77
N LEU C 193 19.10 2.76 -6.98
CA LEU C 193 19.44 1.33 -6.96
C LEU C 193 19.21 0.68 -5.62
N TYR C 194 19.60 1.38 -4.58
CA TYR C 194 19.31 0.89 -3.23
C TYR C 194 17.84 0.64 -3.04
N ASN C 195 17.06 1.63 -3.44
CA ASN C 195 15.59 1.50 -3.22
C ASN C 195 15.01 0.38 -4.06
N MET C 196 15.54 0.24 -5.31
CA MET C 196 15.06 -0.89 -6.16
C MET C 196 15.33 -2.16 -5.46
N GLY C 197 16.53 -2.38 -4.92
CA GLY C 197 16.85 -3.59 -4.25
C GLY C 197 16.00 -3.87 -3.03
N LYS C 198 15.70 -2.83 -2.25
CA LYS C 198 14.81 -3.03 -1.08
C LYS C 198 13.39 -3.33 -1.51
N HIS C 199 12.90 -2.73 -2.57
CA HIS C 199 11.61 -3.16 -3.15
C HIS C 199 11.60 -4.54 -3.57
N ALA C 200 12.67 -4.93 -4.31
CA ALA C 200 12.77 -6.33 -4.74
C ALA C 200 12.73 -7.27 -3.50
N LEU C 201 13.33 -6.86 -2.38
CA LEU C 201 13.30 -7.72 -1.19
C LEU C 201 11.92 -7.83 -0.59
N VAL C 202 11.07 -6.80 -0.71
CA VAL C 202 9.66 -6.94 -0.33
C VAL C 202 8.98 -7.99 -1.21
N GLY C 203 9.26 -7.93 -2.52
CA GLY C 203 8.72 -8.92 -3.42
C GLY C 203 9.14 -10.32 -3.07
N LEU C 204 10.43 -10.50 -2.77
CA LEU C 204 10.91 -11.83 -2.33
C LEU C 204 10.18 -12.29 -1.09
N THR C 205 10.07 -11.39 -0.09
CA THR C 205 9.44 -11.77 1.13
C THR C 205 8.05 -12.35 0.89
N GLN C 206 7.26 -11.62 0.06
CA GLN C 206 5.93 -12.03 -0.22
C GLN C 206 5.86 -13.27 -1.09
N SER C 207 6.64 -13.32 -2.15
CA SER C 207 6.63 -14.50 -3.05
CA SER C 207 6.67 -14.50 -3.05
C SER C 207 7.12 -15.78 -2.32
N ALA C 208 8.16 -15.63 -1.54
CA ALA C 208 8.71 -16.79 -0.80
C ALA C 208 7.73 -17.16 0.31
N ALA C 209 7.07 -16.23 0.99
CA ALA C 209 6.08 -16.60 1.96
C ALA C 209 5.04 -17.53 1.31
N LEU C 210 4.54 -17.13 0.15
CA LEU C 210 3.51 -17.92 -0.53
C LEU C 210 4.02 -19.30 -0.88
N GLU C 211 5.18 -19.30 -1.53
CA GLU C 211 5.78 -20.52 -2.08
C GLU C 211 6.32 -21.53 -1.10
N LEU C 212 6.75 -21.05 0.05
CA LEU C 212 7.33 -21.90 1.05
C LEU C 212 6.36 -22.27 2.19
N ALA C 213 5.21 -21.66 2.23
CA ALA C 213 4.20 -21.99 3.23
C ALA C 213 3.87 -23.52 3.26
N PRO C 214 3.76 -24.20 2.13
CA PRO C 214 3.49 -25.65 2.20
C PRO C 214 4.61 -26.46 2.85
N TYR C 215 5.81 -25.90 2.94
CA TYR C 215 6.92 -26.57 3.58
C TYR C 215 7.05 -26.14 5.04
N GLY C 216 6.09 -25.35 5.51
CA GLY C 216 6.09 -24.86 6.89
C GLY C 216 7.22 -23.82 7.13
N ILE C 217 7.72 -23.17 6.12
CA ILE C 217 8.70 -22.13 6.28
C ILE C 217 7.96 -20.81 6.22
N ARG C 218 8.05 -19.98 7.28
CA ARG C 218 7.48 -18.64 7.29
C ARG C 218 8.54 -17.66 6.81
N VAL C 219 8.07 -16.62 6.12
CA VAL C 219 9.00 -15.61 5.58
C VAL C 219 8.46 -14.24 5.88
N ASN C 220 9.22 -13.44 6.64
CA ASN C 220 8.73 -12.14 7.11
C ASN C 220 9.84 -11.14 7.02
N GLY C 221 9.53 -9.85 7.26
CA GLY C 221 10.48 -8.81 7.25
C GLY C 221 10.42 -7.93 8.48
N VAL C 222 11.55 -7.27 8.76
CA VAL C 222 11.63 -6.20 9.74
C VAL C 222 12.18 -5.01 9.03
N ALA C 223 11.52 -3.85 9.14
CA ALA C 223 11.90 -2.69 8.41
C ALA C 223 12.30 -1.56 9.31
N PRO C 224 13.58 -1.40 9.53
CA PRO C 224 13.99 -0.24 10.33
C PRO C 224 13.76 1.08 9.59
N GLY C 225 13.73 2.13 10.34
CA GLY C 225 13.61 3.48 9.76
C GLY C 225 15.02 4.01 9.93
N VAL C 226 15.17 4.92 10.89
CA VAL C 226 16.43 5.42 11.36
C VAL C 226 16.83 4.44 12.49
N SER C 227 17.87 3.66 12.26
CA SER C 227 18.34 2.69 13.24
C SER C 227 19.73 3.06 13.76
N GLU C 235 27.15 13.64 12.75
CA GLU C 235 26.37 13.92 13.99
C GLU C 235 25.37 15.15 13.90
N GLU C 236 25.74 16.27 13.24
CA GLU C 236 24.74 17.34 12.94
C GLU C 236 23.62 16.68 11.99
N GLU C 237 24.05 15.93 10.96
CA GLU C 237 23.20 15.15 10.02
C GLU C 237 22.44 14.06 10.79
N LYS C 238 23.13 13.39 11.75
CA LYS C 238 22.51 12.34 12.67
C LYS C 238 21.42 12.97 13.57
N ASP C 239 21.67 14.15 14.19
CA ASP C 239 20.61 14.85 14.99
C ASP C 239 19.33 15.34 14.19
N LYS C 240 19.55 15.80 12.91
CA LYS C 240 18.50 16.28 12.01
C LYS C 240 17.43 15.09 11.89
N TRP C 241 17.94 13.88 11.59
CA TRP C 241 17.11 12.68 11.50
C TRP C 241 16.40 12.32 12.89
N ARG C 242 17.11 12.38 14.00
CA ARG C 242 16.54 12.01 15.28
CA ARG C 242 16.54 12.01 15.28
C ARG C 242 15.35 12.91 15.63
N ARG C 243 15.45 14.22 15.36
CA ARG C 243 14.36 15.18 15.77
C ARG C 243 12.99 15.02 15.01
N LYS C 244 13.04 14.33 13.91
CA LYS C 244 11.83 14.04 13.07
C LYS C 244 11.06 12.79 13.51
N VAL C 245 11.72 11.97 14.31
CA VAL C 245 11.09 10.69 14.71
C VAL C 245 10.04 10.92 15.81
N PRO C 246 8.79 10.55 15.57
CA PRO C 246 7.71 10.79 16.61
C PRO C 246 8.05 10.22 17.95
N LEU C 247 8.58 9.00 17.98
CA LEU C 247 9.00 8.37 19.23
C LEU C 247 10.48 8.67 19.51
N GLY C 248 10.95 9.82 19.05
CA GLY C 248 12.31 10.29 19.21
C GLY C 248 12.84 10.32 20.63
N ARG C 249 11.95 10.48 21.59
CA ARG C 249 12.42 10.54 23.08
C ARG C 249 13.26 9.31 23.41
N ARG C 250 12.97 8.21 22.72
CA ARG C 250 13.72 6.98 22.83
C ARG C 250 14.83 6.96 21.70
N GLU C 251 16.06 6.54 21.98
CA GLU C 251 17.04 6.49 20.87
C GLU C 251 16.91 5.17 20.08
N ALA C 252 17.03 5.20 18.74
CA ALA C 252 16.91 4.04 18.05
C ALA C 252 18.08 3.08 18.39
N SER C 253 17.82 1.78 18.52
CA SER C 253 18.94 0.89 18.84
C SER C 253 18.90 -0.38 17.96
N ALA C 254 20.05 -1.01 17.77
CA ALA C 254 20.05 -2.27 17.06
C ALA C 254 19.28 -3.32 17.80
N GLU C 255 19.29 -3.20 19.12
CA GLU C 255 18.58 -4.13 19.99
C GLU C 255 17.07 -4.16 19.72
N GLN C 256 16.53 -3.00 19.41
CA GLN C 256 15.11 -2.87 19.10
C GLN C 256 14.80 -3.66 17.85
N ILE C 257 15.63 -3.51 16.83
CA ILE C 257 15.42 -4.26 15.57
C ILE C 257 15.46 -5.72 15.90
N ALA C 258 16.50 -6.11 16.62
CA ALA C 258 16.63 -7.49 17.01
C ALA C 258 15.45 -8.11 17.75
N ASP C 259 14.84 -7.25 18.59
CA ASP C 259 13.63 -7.71 19.34
C ASP C 259 12.50 -8.16 18.35
N ALA C 260 12.36 -7.35 17.29
CA ALA C 260 11.33 -7.76 16.29
C ALA C 260 11.64 -9.05 15.57
N VAL C 261 12.96 -9.24 15.28
CA VAL C 261 13.38 -10.50 14.67
C VAL C 261 13.12 -11.64 15.58
N ILE C 262 13.42 -11.48 16.88
CA ILE C 262 13.19 -12.56 17.84
C ILE C 262 11.72 -12.90 17.93
N PHE C 263 10.85 -11.87 17.89
CA PHE C 263 9.42 -12.17 17.86
C PHE C 263 9.01 -13.03 16.65
N LEU C 264 9.50 -12.57 15.47
CA LEU C 264 9.06 -13.27 14.27
C LEU C 264 9.53 -14.68 14.10
N VAL C 265 10.68 -15.02 14.71
CA VAL C 265 11.18 -16.41 14.69
C VAL C 265 10.57 -17.26 15.76
N SER C 266 9.93 -16.61 16.75
CA SER C 266 9.38 -17.31 17.90
C SER C 266 8.09 -18.07 17.63
N GLY C 267 7.73 -18.90 18.58
CA GLY C 267 6.44 -19.58 18.53
C GLY C 267 5.24 -18.62 18.63
N SER C 268 5.48 -17.43 19.18
CA SER C 268 4.42 -16.38 19.23
C SER C 268 4.07 -15.77 17.88
N ALA C 269 4.79 -16.18 16.81
CA ALA C 269 4.56 -15.69 15.46
C ALA C 269 4.22 -16.83 14.49
N GLN C 270 3.80 -17.99 15.01
CA GLN C 270 3.62 -19.20 14.19
C GLN C 270 2.62 -19.11 13.08
N TYR C 271 1.69 -18.14 13.10
CA TYR C 271 0.72 -17.95 12.01
C TYR C 271 1.08 -16.73 11.13
N ILE C 272 2.21 -16.08 11.41
CA ILE C 272 2.61 -14.89 10.72
C ILE C 272 3.58 -15.27 9.59
N THR C 273 3.14 -14.95 8.35
CA THR C 273 4.06 -15.12 7.19
C THR C 273 3.66 -14.05 6.15
N GLY C 274 4.65 -13.54 5.44
CA GLY C 274 4.43 -12.50 4.50
C GLY C 274 4.31 -11.10 5.10
N SER C 275 4.56 -10.91 6.40
CA SER C 275 4.41 -9.69 7.10
C SER C 275 5.70 -8.96 7.21
N ILE C 276 5.64 -7.64 7.12
CA ILE C 276 6.79 -6.77 7.33
C ILE C 276 6.47 -5.83 8.48
N ILE C 277 7.23 -5.95 9.58
CA ILE C 277 7.04 -5.13 10.76
C ILE C 277 7.93 -3.89 10.72
N LYS C 278 7.33 -2.70 10.59
CA LYS C 278 8.13 -1.49 10.73
C LYS C 278 8.54 -1.24 12.14
N VAL C 279 9.80 -0.95 12.31
CA VAL C 279 10.39 -0.59 13.57
C VAL C 279 11.11 0.71 13.40
N ASP C 280 10.34 1.78 13.37
CA ASP C 280 10.84 3.10 12.87
C ASP C 280 10.44 4.27 13.75
N GLY C 281 9.87 4.01 14.92
CA GLY C 281 9.50 5.14 15.82
C GLY C 281 8.41 6.00 15.23
N GLY C 282 7.72 5.56 14.19
CA GLY C 282 6.69 6.35 13.53
C GLY C 282 7.15 7.23 12.35
N LEU C 283 8.49 7.13 12.02
CA LEU C 283 9.04 8.08 11.06
C LEU C 283 8.36 8.03 9.69
N SER C 284 7.96 6.83 9.23
CA SER C 284 7.36 6.75 7.94
C SER C 284 6.00 7.42 7.86
N LEU C 285 5.41 7.76 9.00
CA LEU C 285 4.12 8.43 9.03
C LEU C 285 4.24 9.93 8.94
N VAL C 286 5.51 10.46 8.91
CA VAL C 286 5.69 11.87 9.05
C VAL C 286 5.72 12.52 7.63
N HIS C 287 4.84 13.47 7.27
CA HIS C 287 4.86 14.08 5.96
C HIS C 287 6.07 15.06 5.88
N ALA C 288 6.43 15.34 4.64
CA ALA C 288 7.44 16.37 4.27
C ALA C 288 7.18 17.75 4.89
N GLU D 22 2.83 -1.12 41.27
CA GLU D 22 1.68 -2.00 41.09
C GLU D 22 1.69 -2.69 39.63
N ALA D 23 0.74 -3.59 39.45
CA ALA D 23 0.47 -4.23 38.22
C ALA D 23 -0.21 -3.24 37.25
N PRO D 24 0.25 -3.23 35.99
CA PRO D 24 -0.42 -2.35 34.97
C PRO D 24 -1.82 -2.89 34.74
N ALA D 25 -2.60 -2.03 34.03
CA ALA D 25 -4.00 -2.36 33.77
C ALA D 25 -4.36 -2.11 32.29
N ALA D 26 -5.23 -2.97 31.82
CA ALA D 26 -5.66 -2.88 30.39
C ALA D 26 -7.14 -2.91 30.28
N VAL D 27 -7.68 -2.19 29.28
CA VAL D 27 -9.08 -2.30 28.81
C VAL D 27 -9.10 -3.13 27.53
N VAL D 28 -9.92 -4.16 27.46
CA VAL D 28 -10.13 -4.91 26.26
C VAL D 28 -11.61 -4.80 25.88
N THR D 29 -11.90 -4.23 24.69
CA THR D 29 -13.30 -4.17 24.29
C THR D 29 -13.76 -5.44 23.69
N GLY D 30 -15.02 -5.77 23.85
CA GLY D 30 -15.59 -7.03 23.35
C GLY D 30 -14.81 -8.27 23.81
N ALA D 31 -14.58 -8.31 25.13
CA ALA D 31 -13.65 -9.28 25.74
C ALA D 31 -14.30 -10.51 26.27
N ALA D 32 -15.61 -10.62 26.16
CA ALA D 32 -16.27 -11.80 26.79
C ALA D 32 -16.02 -13.12 26.05
N LYS D 33 -15.80 -13.06 24.76
CA LYS D 33 -15.65 -14.24 23.94
C LYS D 33 -14.59 -14.14 22.86
N ARG D 34 -14.29 -15.27 22.23
CA ARG D 34 -13.36 -15.36 21.10
C ARG D 34 -12.06 -14.60 21.17
N ILE D 35 -11.74 -13.80 20.15
CA ILE D 35 -10.46 -13.14 20.26
C ILE D 35 -10.24 -12.17 21.41
N GLY D 36 -11.25 -11.42 21.72
CA GLY D 36 -11.12 -10.49 22.83
C GLY D 36 -10.90 -11.19 24.19
N ARG D 37 -11.57 -12.33 24.34
CA ARG D 37 -11.41 -13.17 25.52
C ARG D 37 -9.96 -13.69 25.56
N ALA D 38 -9.42 -14.16 24.44
CA ALA D 38 -8.04 -14.66 24.45
C ALA D 38 -7.09 -13.51 24.74
N ILE D 39 -7.31 -12.31 24.24
CA ILE D 39 -6.46 -11.20 24.56
C ILE D 39 -6.46 -10.90 26.04
N ALA D 40 -7.69 -10.82 26.61
CA ALA D 40 -7.81 -10.57 28.03
C ALA D 40 -7.07 -11.60 28.87
N VAL D 41 -7.26 -12.87 28.52
CA VAL D 41 -6.55 -13.90 29.26
C VAL D 41 -5.10 -13.75 29.15
N LYS D 42 -4.51 -13.54 27.97
CA LYS D 42 -3.09 -13.48 27.81
C LYS D 42 -2.53 -12.24 28.48
N LEU D 43 -3.22 -11.08 28.43
CA LEU D 43 -2.75 -9.91 29.17
C LEU D 43 -2.72 -10.29 30.71
N HIS D 44 -3.79 -10.90 31.17
CA HIS D 44 -3.84 -11.23 32.64
C HIS D 44 -2.70 -12.21 33.01
N GLN D 45 -2.43 -13.16 32.11
CA GLN D 45 -1.27 -14.09 32.34
C GLN D 45 0.05 -13.39 32.34
N THR D 46 0.20 -12.29 31.57
CA THR D 46 1.35 -11.43 31.56
C THR D 46 1.55 -10.58 32.76
N GLY D 47 0.51 -10.43 33.56
CA GLY D 47 0.60 -9.58 34.74
C GLY D 47 -0.33 -8.37 34.82
N TYR D 48 -1.12 -8.20 33.79
CA TYR D 48 -2.03 -7.06 33.81
C TYR D 48 -3.31 -7.32 34.56
N ARG D 49 -3.87 -6.25 35.10
CA ARG D 49 -5.22 -6.27 35.64
C ARG D 49 -6.10 -5.84 34.43
N VAL D 50 -7.28 -6.40 34.29
CA VAL D 50 -8.08 -6.18 33.06
CA VAL D 50 -8.07 -6.21 33.04
C VAL D 50 -9.49 -5.72 33.30
N VAL D 51 -9.96 -4.79 32.49
CA VAL D 51 -11.37 -4.44 32.30
C VAL D 51 -11.88 -5.22 31.12
N ILE D 52 -12.84 -6.09 31.37
CA ILE D 52 -13.55 -6.90 30.42
C ILE D 52 -14.77 -6.14 29.96
N HIS D 53 -14.68 -5.43 28.84
CA HIS D 53 -15.82 -4.76 28.27
C HIS D 53 -16.65 -5.78 27.53
N TYR D 54 -17.97 -5.57 27.62
CA TYR D 54 -18.95 -6.44 26.94
C TYR D 54 -20.24 -5.66 26.62
N HIS D 55 -20.99 -6.12 25.63
CA HIS D 55 -22.23 -5.44 25.25
C HIS D 55 -23.38 -6.36 25.66
N ASN D 56 -23.60 -7.48 24.98
CA ASN D 56 -24.65 -8.36 25.31
C ASN D 56 -24.23 -9.57 26.13
N SER D 57 -22.94 -9.92 26.10
CA SER D 57 -22.50 -11.24 26.64
C SER D 57 -22.15 -11.15 28.13
N ALA D 58 -23.18 -10.86 28.94
CA ALA D 58 -22.92 -10.54 30.35
C ALA D 58 -22.46 -11.86 31.08
N GLU D 59 -23.16 -12.96 30.86
CA GLU D 59 -22.82 -14.22 31.55
C GLU D 59 -21.37 -14.61 31.21
N ALA D 60 -20.93 -14.55 29.96
CA ALA D 60 -19.58 -14.85 29.59
C ALA D 60 -18.57 -13.91 30.20
N ALA D 61 -18.88 -12.63 30.23
CA ALA D 61 -17.97 -11.60 30.79
C ALA D 61 -17.75 -11.86 32.28
N VAL D 62 -18.89 -12.06 32.99
CA VAL D 62 -18.82 -12.32 34.43
C VAL D 62 -18.07 -13.61 34.71
N SER D 63 -18.32 -14.68 33.90
CA SER D 63 -17.58 -15.95 34.10
C SER D 63 -16.07 -15.75 33.88
N LEU D 64 -15.68 -14.95 32.89
CA LEU D 64 -14.27 -14.71 32.66
C LEU D 64 -13.67 -13.94 33.81
N ALA D 65 -14.34 -12.92 34.29
CA ALA D 65 -13.80 -12.12 35.39
C ALA D 65 -13.65 -13.02 36.63
N ASP D 66 -14.64 -13.89 36.85
CA ASP D 66 -14.56 -14.92 37.98
C ASP D 66 -13.33 -15.79 37.84
N GLU D 67 -13.04 -16.30 36.61
CA GLU D 67 -11.88 -17.12 36.39
C GLU D 67 -10.57 -16.35 36.65
N LEU D 68 -10.46 -15.15 36.16
CA LEU D 68 -9.26 -14.37 36.31
C LEU D 68 -9.07 -14.01 37.76
N ASN D 69 -10.16 -13.64 38.44
CA ASN D 69 -10.03 -13.28 39.88
C ASN D 69 -9.74 -14.49 40.83
N LYS D 70 -10.14 -15.67 40.37
CA LYS D 70 -9.79 -16.89 41.12
C LYS D 70 -8.31 -17.01 41.07
N GLU D 71 -7.67 -16.73 39.93
CA GLU D 71 -6.22 -16.84 39.85
C GLU D 71 -5.50 -15.73 40.68
N ARG D 72 -6.04 -14.52 40.64
CA ARG D 72 -5.50 -13.41 41.40
C ARG D 72 -6.71 -12.59 41.83
N SER D 73 -6.88 -12.31 43.11
CA SER D 73 -8.06 -11.56 43.46
C SER D 73 -7.88 -10.10 43.03
N ASN D 74 -9.03 -9.49 42.69
CA ASN D 74 -9.05 -8.05 42.44
C ASN D 74 -8.22 -7.63 41.16
N THR D 75 -8.21 -8.52 40.21
CA THR D 75 -7.42 -8.24 38.99
C THR D 75 -8.30 -8.17 37.71
N ALA D 76 -9.62 -8.32 37.83
CA ALA D 76 -10.48 -8.22 36.67
C ALA D 76 -11.83 -7.67 37.11
N VAL D 77 -12.39 -6.81 36.24
CA VAL D 77 -13.74 -6.28 36.42
C VAL D 77 -14.39 -6.28 35.05
N VAL D 78 -15.72 -6.27 35.02
CA VAL D 78 -16.46 -6.14 33.78
C VAL D 78 -17.00 -4.78 33.66
N CYS D 79 -17.32 -4.38 32.40
CA CYS D 79 -17.84 -3.00 32.10
C CYS D 79 -18.72 -3.19 30.91
N GLN D 80 -20.01 -2.88 31.05
CA GLN D 80 -20.97 -2.99 29.97
C GLN D 80 -21.19 -1.68 29.23
N ALA D 81 -21.13 -1.83 27.87
CA ALA D 81 -21.44 -0.65 27.03
C ALA D 81 -21.77 -1.01 25.63
N ASP D 82 -22.78 -0.31 25.05
CA ASP D 82 -23.02 -0.35 23.62
C ASP D 82 -22.07 0.63 22.93
N LEU D 83 -21.32 0.13 21.94
CA LEU D 83 -20.38 0.98 21.22
C LEU D 83 -20.87 1.43 19.80
N THR D 84 -22.18 1.28 19.59
CA THR D 84 -22.87 1.86 18.44
CA THR D 84 -22.76 1.86 18.41
C THR D 84 -22.68 3.36 18.54
N ASN D 85 -22.50 4.03 17.37
CA ASN D 85 -22.40 5.52 17.45
C ASN D 85 -23.77 6.16 17.81
N SER D 86 -23.67 7.20 18.60
CA SER D 86 -24.82 8.00 19.05
C SER D 86 -24.27 9.21 19.75
N ASN D 87 -25.17 10.15 20.13
CA ASN D 87 -24.68 11.32 20.83
C ASN D 87 -24.17 11.03 22.25
N VAL D 88 -24.46 9.83 22.78
CA VAL D 88 -23.86 9.45 24.05
CA VAL D 88 -23.98 9.40 24.08
C VAL D 88 -22.68 8.56 23.97
N LEU D 89 -22.28 8.19 22.74
CA LEU D 89 -21.08 7.33 22.68
C LEU D 89 -19.88 7.93 23.34
N PRO D 90 -19.59 9.24 23.20
CA PRO D 90 -18.45 9.80 23.92
C PRO D 90 -18.48 9.52 25.41
N ALA D 91 -19.65 9.72 25.99
CA ALA D 91 -19.79 9.49 27.47
C ALA D 91 -19.59 8.03 27.79
N SER D 92 -20.08 7.10 26.98
CA SER D 92 -19.88 5.67 27.19
C SER D 92 -18.41 5.28 27.14
N CYS D 93 -17.69 5.87 26.18
CA CYS D 93 -16.28 5.57 26.03
C CYS D 93 -15.42 6.21 27.14
N GLU D 94 -15.78 7.38 27.59
CA GLU D 94 -15.17 7.92 28.74
C GLU D 94 -15.40 7.08 29.97
N GLU D 95 -16.64 6.50 30.12
CA GLU D 95 -16.93 5.64 31.20
C GLU D 95 -16.18 4.37 31.21
N ILE D 96 -15.89 3.79 30.03
CA ILE D 96 -15.05 2.58 30.01
C ILE D 96 -13.66 2.87 30.48
N ILE D 97 -13.05 3.98 30.09
CA ILE D 97 -11.72 4.27 30.59
C ILE D 97 -11.79 4.61 32.11
N ASN D 98 -12.85 5.37 32.49
CA ASN D 98 -13.03 5.68 33.90
C ASN D 98 -13.16 4.43 34.75
N SER D 99 -13.79 3.35 34.24
CA SER D 99 -13.95 2.13 34.95
CA SER D 99 -13.95 2.10 34.95
C SER D 99 -12.60 1.46 35.25
N CYS D 100 -11.61 1.64 34.34
CA CYS D 100 -10.31 1.11 34.62
C CYS D 100 -9.60 1.89 35.68
N PHE D 101 -9.67 3.21 35.67
CA PHE D 101 -9.14 4.01 36.76
C PHE D 101 -9.84 3.77 38.12
N ARG D 102 -11.17 3.57 38.09
CA ARG D 102 -11.92 3.30 39.31
C ARG D 102 -11.54 1.95 39.95
N ALA D 103 -11.30 0.93 39.13
CA ALA D 103 -10.94 -0.38 39.63
C ALA D 103 -9.45 -0.47 40.06
N PHE D 104 -8.61 0.13 39.21
CA PHE D 104 -7.17 -0.15 39.26
C PHE D 104 -6.26 1.04 39.48
N GLY D 105 -6.74 2.27 39.33
CA GLY D 105 -6.01 3.46 39.57
C GLY D 105 -5.07 3.90 38.44
N ARG D 106 -5.17 3.22 37.30
CA ARG D 106 -4.27 3.46 36.16
C ARG D 106 -4.93 2.79 35.00
N CYS D 107 -4.43 3.13 33.80
CA CYS D 107 -4.91 2.47 32.57
C CYS D 107 -3.73 2.57 31.55
N ASP D 108 -3.05 1.44 31.35
CA ASP D 108 -1.79 1.41 30.59
C ASP D 108 -2.00 1.00 29.14
N VAL D 109 -2.97 0.13 28.90
CA VAL D 109 -3.22 -0.48 27.58
C VAL D 109 -4.66 -0.41 27.28
N LEU D 110 -4.96 -0.06 26.03
CA LEU D 110 -6.30 -0.12 25.43
C LEU D 110 -6.24 -1.01 24.24
N VAL D 111 -7.07 -2.05 24.19
CA VAL D 111 -7.22 -2.94 23.03
C VAL D 111 -8.61 -2.72 22.45
N ASN D 112 -8.69 -2.17 21.25
CA ASN D 112 -9.92 -1.95 20.53
C ASN D 112 -10.26 -3.16 19.71
N ASN D 113 -11.00 -4.09 20.25
CA ASN D 113 -11.34 -5.37 19.69
C ASN D 113 -12.78 -5.48 19.28
N ALA D 114 -13.71 -4.85 19.99
CA ALA D 114 -15.13 -5.07 19.67
C ALA D 114 -15.44 -4.68 18.25
N SER D 115 -16.36 -5.39 17.58
CA SER D 115 -16.69 -5.14 16.22
C SER D 115 -18.02 -5.74 15.83
N ALA D 116 -18.78 -4.91 15.11
CA ALA D 116 -19.89 -5.38 14.35
C ALA D 116 -19.47 -5.76 12.99
N PHE D 117 -20.10 -6.82 12.42
CA PHE D 117 -19.74 -7.41 11.15
C PHE D 117 -20.89 -8.09 10.49
N TYR D 118 -21.39 -7.51 9.42
CA TYR D 118 -22.51 -8.10 8.64
C TYR D 118 -22.55 -7.35 7.30
N PRO D 119 -23.17 -7.93 6.27
CA PRO D 119 -23.24 -7.32 4.97
C PRO D 119 -24.22 -6.17 4.87
N THR D 120 -23.84 -5.22 4.02
CA THR D 120 -24.66 -4.04 3.72
C THR D 120 -24.64 -3.83 2.21
N PRO D 121 -25.45 -4.59 1.45
CA PRO D 121 -25.36 -4.48 0.00
C PRO D 121 -25.68 -3.07 -0.52
N LEU D 122 -24.98 -2.71 -1.63
CA LEU D 122 -25.25 -1.41 -2.24
C LEU D 122 -26.51 -1.38 -3.00
N VAL D 123 -26.95 -2.49 -3.54
CA VAL D 123 -28.21 -2.64 -4.41
C VAL D 123 -29.14 -3.63 -3.82
N GLN D 124 -30.42 -3.27 -3.77
CA GLN D 124 -31.58 -4.09 -3.28
C GLN D 124 -32.32 -4.58 -4.50
N LYS D 134 -32.89 -3.47 10.23
CA LYS D 134 -32.30 -2.20 10.62
C LYS D 134 -32.28 -1.17 9.43
N THR D 135 -32.44 0.09 9.76
CA THR D 135 -32.30 1.17 8.77
C THR D 135 -30.80 1.24 8.43
N VAL D 136 -30.59 1.90 7.29
CA VAL D 136 -29.19 2.06 6.85
CA VAL D 136 -29.22 2.09 6.84
C VAL D 136 -28.45 2.97 7.85
N GLU D 137 -29.08 4.00 8.42
CA GLU D 137 -28.40 4.76 9.46
C GLU D 137 -28.00 3.87 10.65
N THR D 138 -28.88 2.97 11.08
CA THR D 138 -28.49 2.11 12.17
C THR D 138 -27.27 1.27 11.79
N GLN D 139 -27.25 0.78 10.56
CA GLN D 139 -26.09 0.04 10.04
C GLN D 139 -24.81 0.90 10.07
N VAL D 140 -24.90 2.11 9.60
CA VAL D 140 -23.78 3.04 9.77
C VAL D 140 -23.36 3.19 11.21
N ALA D 141 -24.33 3.47 12.10
CA ALA D 141 -23.97 3.67 13.48
C ALA D 141 -23.28 2.46 14.08
N GLU D 142 -23.75 1.27 13.77
CA GLU D 142 -23.18 0.08 14.33
C GLU D 142 -21.82 -0.27 13.74
N LEU D 143 -21.72 -0.36 12.38
CA LEU D 143 -20.52 -0.78 11.71
C LEU D 143 -19.42 0.33 11.84
N ILE D 144 -19.75 1.55 11.54
CA ILE D 144 -18.73 2.60 11.67
C ILE D 144 -18.48 2.92 13.13
N GLY D 145 -19.56 2.93 13.95
CA GLY D 145 -19.32 3.12 15.38
C GLY D 145 -18.43 2.16 16.06
N THR D 146 -18.75 0.90 16.00
CA THR D 146 -17.94 -0.06 16.71
C THR D 146 -16.53 -0.15 16.18
N ASN D 147 -16.36 -0.10 14.81
CA ASN D 147 -15.12 -0.34 14.19
C ASN D 147 -14.19 0.83 14.17
N ALA D 148 -14.76 2.02 14.26
CA ALA D 148 -13.97 3.21 14.05
C ALA D 148 -14.21 4.33 15.04
N ILE D 149 -15.50 4.74 15.24
CA ILE D 149 -15.75 5.90 16.07
CA ILE D 149 -15.70 5.87 16.09
C ILE D 149 -15.46 5.58 17.61
N ALA D 150 -15.96 4.44 18.03
CA ALA D 150 -15.67 4.03 19.40
C ALA D 150 -14.20 3.91 19.68
N PRO D 151 -13.39 3.31 18.77
CA PRO D 151 -11.93 3.37 18.97
C PRO D 151 -11.36 4.74 19.10
N PHE D 152 -11.86 5.66 18.24
CA PHE D 152 -11.40 7.04 18.29
C PHE D 152 -11.71 7.67 19.65
N LEU D 153 -12.97 7.50 20.09
CA LEU D 153 -13.34 8.14 21.35
C LEU D 153 -12.65 7.51 22.56
N LEU D 154 -12.49 6.19 22.53
CA LEU D 154 -11.71 5.51 23.55
C LEU D 154 -10.27 5.98 23.58
N THR D 155 -9.70 6.21 22.40
CA THR D 155 -8.35 6.75 22.29
C THR D 155 -8.23 8.15 22.91
N MET D 156 -9.23 9.00 22.57
CA MET D 156 -9.26 10.32 23.18
C MET D 156 -9.32 10.21 24.70
N SER D 157 -10.23 9.39 25.22
CA SER D 157 -10.37 9.32 26.66
C SER D 157 -9.17 8.67 27.37
N PHE D 158 -8.57 7.69 26.72
CA PHE D 158 -7.33 7.06 27.20
C PHE D 158 -6.22 8.08 27.32
N ALA D 159 -6.06 8.87 26.27
CA ALA D 159 -5.01 9.84 26.30
C ALA D 159 -5.24 10.93 27.30
N GLN D 160 -6.48 11.42 27.33
CA GLN D 160 -6.79 12.51 28.18
C GLN D 160 -6.59 12.19 29.68
N ARG D 161 -6.91 10.95 30.02
CA ARG D 161 -6.87 10.49 31.40
C ARG D 161 -5.47 10.22 31.91
N GLN D 162 -4.47 10.21 31.02
CA GLN D 162 -3.12 9.94 31.58
C GLN D 162 -2.58 11.05 32.55
N ASN D 173 4.94 2.27 30.09
CA ASN D 173 4.78 1.67 28.76
C ASN D 173 3.30 1.67 28.28
N LEU D 174 2.86 2.84 27.85
CA LEU D 174 1.42 3.07 27.45
C LEU D 174 1.29 2.69 25.96
N SER D 175 0.26 1.91 25.65
CA SER D 175 0.04 1.50 24.26
C SER D 175 -1.37 1.03 23.89
N ILE D 176 -1.83 1.45 22.72
CA ILE D 176 -3.10 1.09 22.19
C ILE D 176 -2.89 0.10 21.05
N VAL D 177 -3.69 -0.93 21.01
CA VAL D 177 -3.71 -1.89 19.92
C VAL D 177 -5.09 -1.99 19.30
N ASN D 178 -5.19 -1.74 18.02
CA ASN D 178 -6.44 -1.80 17.26
C ASN D 178 -6.54 -3.08 16.49
N LEU D 179 -7.63 -3.80 16.59
CA LEU D 179 -7.85 -5.02 15.79
C LEU D 179 -8.39 -4.63 14.41
N CYS D 180 -7.54 -4.81 13.41
CA CYS D 180 -7.80 -4.40 12.03
C CYS D 180 -8.12 -5.60 11.25
N ASP D 181 -8.03 -5.57 9.97
CA ASP D 181 -8.45 -6.71 9.08
C ASP D 181 -7.46 -6.81 7.93
N ALA D 182 -6.75 -7.93 7.81
CA ALA D 182 -5.74 -8.09 6.80
C ALA D 182 -6.26 -8.07 5.38
N MET D 183 -7.54 -8.32 5.23
CA MET D 183 -8.20 -8.37 3.93
C MET D 183 -8.92 -7.08 3.53
N VAL D 184 -8.53 -5.99 4.18
CA VAL D 184 -9.17 -4.72 3.91
C VAL D 184 -9.11 -4.26 2.47
N ASP D 185 -8.07 -4.66 1.72
CA ASP D 185 -7.89 -4.30 0.31
C ASP D 185 -8.33 -5.33 -0.66
N GLN D 186 -8.90 -6.43 -0.15
CA GLN D 186 -9.47 -7.49 -0.97
C GLN D 186 -10.76 -7.88 -0.25
N PRO D 187 -11.72 -6.98 -0.24
CA PRO D 187 -12.83 -7.15 0.73
C PRO D 187 -13.86 -8.19 0.29
N CYS D 188 -14.66 -8.62 1.27
CA CYS D 188 -15.76 -9.53 0.93
C CYS D 188 -16.83 -8.75 0.25
N MET D 189 -17.44 -9.37 -0.73
CA MET D 189 -18.51 -8.78 -1.45
C MET D 189 -19.69 -8.39 -0.58
N ALA D 190 -20.18 -7.14 -0.77
CA ALA D 190 -21.35 -6.62 -0.07
C ALA D 190 -21.09 -6.21 1.35
N PHE D 191 -19.82 -6.01 1.75
CA PHE D 191 -19.41 -5.56 3.09
C PHE D 191 -18.84 -4.13 3.09
N SER D 192 -19.45 -3.27 2.31
CA SER D 192 -18.89 -1.93 2.16
CA SER D 192 -18.81 -1.99 2.16
C SER D 192 -18.71 -1.25 3.49
N LEU D 193 -19.81 -1.10 4.29
CA LEU D 193 -19.68 -0.31 5.51
C LEU D 193 -18.70 -0.92 6.50
N TYR D 194 -18.68 -2.23 6.62
CA TYR D 194 -17.66 -2.88 7.48
C TYR D 194 -16.26 -2.50 7.02
N ASN D 195 -16.04 -2.63 5.70
CA ASN D 195 -14.71 -2.35 5.11
CA ASN D 195 -14.68 -2.33 5.19
C ASN D 195 -14.31 -0.86 5.32
N MET D 196 -15.32 0.02 5.18
CA MET D 196 -15.11 1.44 5.43
C MET D 196 -14.66 1.62 6.86
N GLY D 197 -15.33 0.96 7.78
CA GLY D 197 -14.97 1.09 9.18
C GLY D 197 -13.57 0.60 9.50
N LYS D 198 -13.19 -0.51 8.94
CA LYS D 198 -11.84 -1.06 9.18
C LYS D 198 -10.77 -0.17 8.47
N HIS D 199 -11.08 0.38 7.28
CA HIS D 199 -10.12 1.35 6.74
C HIS D 199 -9.98 2.56 7.61
N ALA D 200 -11.12 3.07 8.12
CA ALA D 200 -11.02 4.21 9.03
C ALA D 200 -10.16 3.85 10.23
N LEU D 201 -10.23 2.64 10.74
CA LEU D 201 -9.40 2.26 11.88
C LEU D 201 -7.90 2.25 11.57
N VAL D 202 -7.54 1.90 10.35
CA VAL D 202 -6.13 2.04 9.90
C VAL D 202 -5.73 3.51 9.99
N GLY D 203 -6.61 4.40 9.48
CA GLY D 203 -6.33 5.82 9.55
C GLY D 203 -6.15 6.28 10.97
N LEU D 204 -7.04 5.83 11.86
CA LEU D 204 -6.91 6.24 13.28
C LEU D 204 -5.61 5.72 13.84
N THR D 205 -5.24 4.50 13.55
CA THR D 205 -4.02 3.93 14.10
C THR D 205 -2.82 4.80 13.72
N GLN D 206 -2.74 5.20 12.45
CA GLN D 206 -1.64 6.02 11.98
C GLN D 206 -1.69 7.44 12.55
N SER D 207 -2.89 8.09 12.51
CA SER D 207 -3.00 9.44 12.98
CA SER D 207 -2.98 9.45 12.95
C SER D 207 -2.75 9.50 14.47
N ALA D 208 -3.30 8.60 15.24
CA ALA D 208 -3.07 8.58 16.68
C ALA D 208 -1.65 8.23 17.07
N ALA D 209 -0.99 7.40 16.29
CA ALA D 209 0.42 7.10 16.56
C ALA D 209 1.21 8.39 16.45
N LEU D 210 0.95 9.19 15.42
CA LEU D 210 1.67 10.42 15.21
CA LEU D 210 1.69 10.43 15.25
C LEU D 210 1.37 11.37 16.32
N GLU D 211 0.11 11.55 16.64
CA GLU D 211 -0.27 12.60 17.57
C GLU D 211 0.05 12.30 19.03
N LEU D 212 0.01 11.02 19.40
CA LEU D 212 0.22 10.60 20.74
C LEU D 212 1.66 10.22 21.10
N ALA D 213 2.49 10.08 20.10
CA ALA D 213 3.94 9.80 20.35
C ALA D 213 4.61 10.76 21.36
N PRO D 214 4.28 12.05 21.30
CA PRO D 214 4.90 12.97 22.32
C PRO D 214 4.49 12.69 23.72
N TYR D 215 3.35 11.99 23.87
CA TYR D 215 2.88 11.63 25.19
C TYR D 215 3.36 10.23 25.64
N GLY D 216 4.21 9.63 24.84
CA GLY D 216 4.63 8.30 25.19
C GLY D 216 3.68 7.17 24.91
N ILE D 217 2.66 7.40 24.13
CA ILE D 217 1.66 6.39 23.88
C ILE D 217 1.90 5.84 22.47
N ARG D 218 2.16 4.57 22.35
CA ARG D 218 2.31 3.91 21.05
C ARG D 218 0.96 3.38 20.61
N VAL D 219 0.71 3.42 19.29
CA VAL D 219 -0.57 3.00 18.74
C VAL D 219 -0.27 2.06 17.53
N ASN D 220 -0.72 0.85 17.62
CA ASN D 220 -0.40 -0.15 16.60
C ASN D 220 -1.63 -0.98 16.31
N GLY D 221 -1.58 -1.85 15.31
CA GLY D 221 -2.65 -2.70 14.95
C GLY D 221 -2.25 -4.15 14.78
N VAL D 222 -3.20 -5.04 14.93
CA VAL D 222 -3.05 -6.43 14.60
C VAL D 222 -4.19 -6.74 13.61
N ALA D 223 -3.83 -7.33 12.48
CA ALA D 223 -4.78 -7.56 11.38
C ALA D 223 -4.94 -9.05 11.13
N PRO D 224 -5.96 -9.70 11.68
CA PRO D 224 -6.23 -11.10 11.31
C PRO D 224 -6.67 -11.19 9.88
N GLY D 225 -6.46 -12.40 9.32
CA GLY D 225 -7.04 -12.77 8.05
C GLY D 225 -8.30 -13.52 8.34
N VAL D 226 -8.21 -14.82 8.31
CA VAL D 226 -9.28 -15.59 8.93
CA VAL D 226 -9.26 -15.67 8.89
C VAL D 226 -8.78 -16.20 10.23
N SER D 227 -9.50 -15.89 11.29
CA SER D 227 -9.29 -16.43 12.64
C SER D 227 -10.59 -17.15 12.89
N LEU D 228 -11.03 -17.14 14.12
CA LEU D 228 -12.25 -17.85 14.49
C LEU D 228 -13.39 -17.51 13.54
N LEU D 229 -13.93 -18.43 12.92
CA LEU D 229 -15.05 -18.26 11.98
C LEU D 229 -16.34 -17.94 12.72
N PRO D 230 -17.21 -17.26 11.93
CA PRO D 230 -18.47 -16.86 12.60
C PRO D 230 -19.28 -18.04 13.08
N VAL D 231 -19.93 -17.82 14.25
CA VAL D 231 -20.65 -18.86 14.96
C VAL D 231 -21.76 -19.29 13.96
N ALA D 232 -22.31 -18.35 13.14
CA ALA D 232 -23.47 -18.64 12.26
C ALA D 232 -23.04 -19.31 10.98
N MET D 233 -21.73 -19.41 10.73
CA MET D 233 -21.28 -19.82 9.36
C MET D 233 -21.40 -21.33 9.24
N GLY D 234 -21.86 -21.80 8.09
CA GLY D 234 -21.95 -23.20 7.91
C GLY D 234 -20.65 -24.01 7.77
N GLU D 235 -20.66 -25.30 8.11
CA GLU D 235 -19.44 -26.11 8.09
C GLU D 235 -18.64 -26.18 6.79
N GLU D 236 -19.38 -26.25 5.69
CA GLU D 236 -18.87 -26.36 4.35
C GLU D 236 -18.18 -24.97 4.04
N GLU D 237 -18.81 -23.82 4.45
CA GLU D 237 -18.26 -22.50 4.15
C GLU D 237 -16.99 -22.33 5.00
N LYS D 238 -16.98 -22.83 6.23
CA LYS D 238 -15.79 -22.69 7.10
C LYS D 238 -14.61 -23.39 6.42
N ASP D 239 -14.85 -24.58 5.90
CA ASP D 239 -13.81 -25.36 5.23
C ASP D 239 -13.29 -24.63 3.98
N LYS D 240 -14.19 -24.02 3.22
CA LYS D 240 -13.80 -23.29 1.99
C LYS D 240 -12.75 -22.23 2.40
N TRP D 241 -13.02 -21.52 3.49
CA TRP D 241 -12.14 -20.47 3.96
C TRP D 241 -10.81 -21.04 4.42
N ARG D 242 -10.86 -22.11 5.20
CA ARG D 242 -9.65 -22.75 5.72
C ARG D 242 -8.72 -23.30 4.63
N ARG D 243 -9.29 -23.69 3.50
CA ARG D 243 -8.50 -24.24 2.41
C ARG D 243 -7.74 -23.20 1.64
N LYS D 244 -8.12 -21.90 1.84
CA LYS D 244 -7.40 -20.81 1.16
C LYS D 244 -6.11 -20.35 1.82
N VAL D 245 -5.92 -20.76 3.04
CA VAL D 245 -4.81 -20.17 3.82
C VAL D 245 -3.52 -20.93 3.48
N PRO D 246 -2.50 -20.25 2.95
CA PRO D 246 -1.29 -20.97 2.60
C PRO D 246 -0.60 -21.68 3.75
N LEU D 247 -0.52 -21.00 4.88
CA LEU D 247 0.17 -21.52 6.05
C LEU D 247 -0.64 -22.46 6.93
N GLY D 248 -0.74 -23.72 6.51
CA GLY D 248 -1.47 -24.71 7.30
C GLY D 248 -2.89 -25.04 6.88
N ARG D 249 -3.48 -24.21 5.97
CA ARG D 249 -4.84 -24.46 5.52
C ARG D 249 -5.81 -24.51 6.70
N ARG D 250 -5.63 -23.58 7.62
CA ARG D 250 -6.43 -23.43 8.81
C ARG D 250 -6.48 -21.99 9.20
N GLU D 251 -7.53 -21.68 9.96
CA GLU D 251 -7.70 -20.36 10.56
C GLU D 251 -6.75 -20.16 11.72
N ALA D 252 -6.47 -18.92 12.05
CA ALA D 252 -5.75 -18.58 13.22
C ALA D 252 -6.55 -18.91 14.46
N SER D 253 -5.89 -19.43 15.48
CA SER D 253 -6.54 -19.48 16.79
C SER D 253 -6.64 -18.08 17.37
N ALA D 254 -7.56 -17.92 18.35
CA ALA D 254 -7.60 -16.69 19.07
C ALA D 254 -6.34 -16.40 19.77
N GLU D 255 -5.70 -17.43 20.28
CA GLU D 255 -4.44 -17.26 20.96
C GLU D 255 -3.25 -16.76 20.09
N GLN D 256 -3.27 -17.16 18.82
CA GLN D 256 -2.29 -16.67 17.88
C GLN D 256 -2.44 -15.16 17.60
N ILE D 257 -3.72 -14.72 17.53
CA ILE D 257 -3.97 -13.29 17.40
C ILE D 257 -3.52 -12.55 18.64
N ALA D 258 -3.90 -13.10 19.83
CA ALA D 258 -3.49 -12.49 21.09
C ALA D 258 -1.98 -12.36 21.27
N ASP D 259 -1.24 -13.38 20.78
CA ASP D 259 0.21 -13.34 20.83
C ASP D 259 0.79 -12.09 20.16
N ALA D 260 0.19 -11.63 19.05
CA ALA D 260 0.70 -10.42 18.43
C ALA D 260 0.41 -9.16 19.23
N VAL D 261 -0.81 -9.17 19.88
CA VAL D 261 -1.15 -8.08 20.76
C VAL D 261 -0.17 -7.97 21.90
N ILE D 262 0.16 -9.11 22.52
CA ILE D 262 1.12 -9.20 23.60
C ILE D 262 2.46 -8.60 23.21
N PHE D 263 2.94 -8.97 22.02
CA PHE D 263 4.20 -8.39 21.54
C PHE D 263 4.13 -6.93 21.48
N LEU D 264 3.04 -6.38 20.85
CA LEU D 264 3.00 -4.97 20.66
C LEU D 264 2.85 -4.14 21.92
N VAL D 265 2.30 -4.73 22.97
CA VAL D 265 2.21 -3.99 24.24
C VAL D 265 3.46 -4.14 25.07
N SER D 266 4.34 -5.06 24.69
CA SER D 266 5.52 -5.43 25.49
C SER D 266 6.68 -4.38 25.30
N GLY D 267 7.67 -4.50 26.17
CA GLY D 267 8.92 -3.71 26.02
C GLY D 267 9.70 -4.14 24.75
N SER D 268 9.42 -5.24 24.16
CA SER D 268 10.14 -5.63 22.94
C SER D 268 9.59 -4.88 21.72
N ALA D 269 8.60 -4.02 21.89
CA ALA D 269 8.03 -3.22 20.84
C ALA D 269 8.10 -1.73 21.14
N GLN D 270 8.98 -1.26 22.03
CA GLN D 270 9.07 0.13 22.42
C GLN D 270 9.38 1.14 21.38
N TYR D 271 9.94 0.72 20.26
CA TYR D 271 10.24 1.65 19.14
C TYR D 271 9.21 1.48 17.99
N ILE D 272 8.16 0.66 18.23
CA ILE D 272 7.16 0.45 17.20
C ILE D 272 5.92 1.25 17.47
N THR D 273 5.55 2.11 16.52
CA THR D 273 4.29 2.82 16.57
C THR D 273 3.83 3.08 15.17
N GLY D 274 2.51 3.01 14.98
CA GLY D 274 1.92 3.16 13.66
C GLY D 274 1.94 1.90 12.81
N SER D 275 2.37 0.78 13.31
CA SER D 275 2.54 -0.44 12.52
C SER D 275 1.34 -1.34 12.69
N ILE D 276 0.97 -2.00 11.62
CA ILE D 276 -0.08 -2.95 11.63
C ILE D 276 0.46 -4.31 11.26
N ILE D 277 0.43 -5.28 12.18
CA ILE D 277 0.97 -6.61 11.97
C ILE D 277 -0.07 -7.54 11.44
N LYS D 278 0.05 -8.01 10.20
CA LYS D 278 -0.82 -9.07 9.71
C LYS D 278 -0.54 -10.34 10.35
N VAL D 279 -1.58 -11.00 10.79
CA VAL D 279 -1.52 -12.37 11.36
C VAL D 279 -2.49 -13.20 10.57
N ASP D 280 -2.10 -13.58 9.37
CA ASP D 280 -3.03 -14.10 8.35
C ASP D 280 -2.61 -15.34 7.62
N GLY D 281 -1.45 -15.92 8.02
CA GLY D 281 -1.10 -17.20 7.38
C GLY D 281 -0.81 -17.08 5.91
N GLY D 282 -0.54 -15.83 5.42
CA GLY D 282 -0.35 -15.62 4.01
C GLY D 282 -1.61 -15.31 3.19
N LEU D 283 -2.80 -15.30 3.82
CA LEU D 283 -4.01 -15.28 3.03
C LEU D 283 -4.07 -14.02 2.10
N SER D 284 -3.62 -12.86 2.60
CA SER D 284 -3.69 -11.64 1.82
C SER D 284 -2.77 -11.64 0.62
N LEU D 285 -1.87 -12.59 0.51
CA LEU D 285 -0.99 -12.70 -0.64
C LEU D 285 -1.51 -13.54 -1.75
N VAL D 286 -2.64 -14.18 -1.53
CA VAL D 286 -3.18 -15.19 -2.48
C VAL D 286 -4.09 -14.45 -3.52
N HIS D 287 -3.71 -14.58 -4.78
CA HIS D 287 -4.58 -14.01 -5.84
C HIS D 287 -5.89 -14.75 -5.99
N ALA D 288 -6.85 -14.11 -6.70
CA ALA D 288 -8.15 -14.76 -6.99
C ALA D 288 -7.98 -16.00 -7.77
PA NAP E . 5.43 -9.68 -23.59
O1A NAP E . 4.72 -9.98 -24.88
O2A NAP E . 5.57 -10.76 -22.58
O5B NAP E . 6.88 -9.09 -23.79
C5B NAP E . 7.10 -7.86 -24.53
C4B NAP E . 8.39 -7.90 -25.25
O4B NAP E . 9.50 -7.98 -24.35
C3B NAP E . 8.66 -9.14 -26.09
O3B NAP E . 7.97 -9.11 -27.38
C2B NAP E . 10.17 -9.15 -26.27
O2B NAP E . 10.64 -8.58 -27.50
C1B NAP E . 10.67 -8.21 -25.16
N9A NAP E . 11.71 -8.84 -24.32
C8A NAP E . 11.64 -10.04 -23.65
N7A NAP E . 12.87 -10.40 -23.22
C5A NAP E . 13.68 -9.42 -23.67
C6A NAP E . 15.13 -9.19 -23.65
N6A NAP E . 15.90 -10.11 -23.02
N1A NAP E . 15.64 -8.10 -24.21
C2A NAP E . 14.81 -7.19 -24.84
N3A NAP E . 13.50 -7.32 -24.96
C4A NAP E . 12.99 -8.38 -24.42
O3 NAP E . 4.65 -8.44 -22.90
PN NAP E . 3.14 -8.06 -22.91
O1N NAP E . 2.78 -7.33 -24.12
O2N NAP E . 2.36 -9.22 -22.52
O5D NAP E . 3.13 -7.05 -21.62
C5D NAP E . 3.61 -5.71 -21.78
C4D NAP E . 4.12 -5.27 -20.46
O4D NAP E . 3.05 -5.28 -19.45
C3D NAP E . 5.26 -6.09 -19.85
O3D NAP E . 6.14 -5.15 -19.11
C2D NAP E . 4.57 -6.95 -18.91
O2D NAP E . 5.42 -7.34 -17.80
C1D NAP E . 3.40 -6.13 -18.37
N1N NAP E . 2.25 -6.94 -17.99
C2N NAP E . 1.51 -7.64 -18.87
C3N NAP E . 0.47 -8.40 -18.51
C7N NAP E . -0.34 -9.16 -19.51
O7N NAP E . -1.42 -9.59 -19.12
N7N NAP E . 0.05 -9.25 -20.77
C4N NAP E . 0.17 -8.57 -17.17
C5N NAP E . 0.96 -7.85 -16.24
C6N NAP E . 1.99 -7.07 -16.67
P2B NAP E . 10.89 -9.50 -28.86
O1X NAP E . 9.58 -10.15 -29.11
O2X NAP E . 11.98 -10.52 -28.51
O3X NAP E . 11.33 -8.48 -29.84
C ACT F . 0.53 -7.84 -32.53
O ACT F . -0.24 -6.79 -32.41
OXT ACT F . 0.81 -8.62 -31.56
CH3 ACT F . 0.99 -8.14 -33.93
C ACT G . 1.66 15.77 -29.23
O ACT G . 1.86 15.10 -30.31
OXT ACT G . 1.16 15.23 -28.21
CH3 ACT G . 2.08 17.23 -29.16
CAN 6JO H . -0.84 -12.01 -15.52
CAO 6JO H . -1.78 -12.48 -14.58
OAQ 6JO H . -1.89 -11.81 -13.36
CAP 6JO H . -2.57 -13.60 -14.82
CAK 6JO H . -2.48 -14.35 -16.03
CAL 6JO H . -1.60 -13.90 -16.95
CAM 6JO H . -0.78 -12.74 -16.73
CAJ 6JO H . 0.16 -12.36 -17.67
OAG 6JO H . 1.32 -11.81 -17.10
CAE 6JO H . 2.39 -11.37 -17.82
CAF 6JO H . 3.40 -10.75 -17.17
CAA 6JO H . 4.48 -10.37 -17.90
CAB 6JO H . 4.57 -10.44 -19.27
OAT 6JO H . 5.74 -10.01 -19.86
CAC 6JO H . 3.52 -11.02 -19.94
CAD 6JO H . 2.47 -11.53 -19.21
CAH 6JO H . 1.29 -12.13 -19.81
OAS 6JO H . 1.31 -12.32 -21.05
CAI 6JO H . 0.18 -12.41 -19.05
OAR 6JO H . -0.95 -12.78 -19.67
PA NAP I . -13.25 22.38 -0.23
O1A NAP I . -13.22 23.69 -0.88
O2A NAP I . -12.60 22.21 1.09
O5B NAP I . -14.74 21.82 0.00
C5B NAP I . -15.59 21.62 -1.14
C4B NAP I . -17.02 21.89 -0.78
O4B NAP I . -17.47 20.89 0.14
C3B NAP I . -17.38 23.23 -0.08
O3B NAP I . -17.34 24.30 -1.02
C2B NAP I . -18.68 22.93 0.57
O2B NAP I . -19.79 23.36 -0.21
C1B NAP I . -18.74 21.35 0.55
N9A NAP I . -19.02 20.85 1.86
C8A NAP I . -18.32 21.10 3.05
N7A NAP I . -19.00 20.68 4.10
C5A NAP I . -20.24 20.23 3.61
C6A NAP I . -21.45 19.65 4.18
N6A NAP I . -21.60 19.54 5.52
N1A NAP I . -22.43 19.34 3.39
C2A NAP I . -22.26 19.43 2.08
N3A NAP I . -21.21 19.92 1.37
C4A NAP I . -20.20 20.31 2.19
O3 NAP I . -12.64 21.29 -1.26
PN NAP I . -11.47 21.44 -2.30
O1N NAP I . -12.00 22.03 -3.52
O2N NAP I . -10.30 22.07 -1.61
O5D NAP I . -11.11 19.89 -2.50
C5D NAP I . -11.97 19.07 -3.36
C4D NAP I . -11.82 17.64 -2.87
O4D NAP I . -10.41 17.23 -2.93
C3D NAP I . -12.25 17.38 -1.47
O3D NAP I . -12.83 16.05 -1.33
C2D NAP I . -11.02 17.42 -0.64
O2D NAP I . -11.02 16.61 0.56
C1D NAP I . -10.01 16.81 -1.65
N1N NAP I . -8.63 17.28 -1.44
C2N NAP I . -8.26 18.60 -1.66
C3N NAP I . -6.98 19.05 -1.41
C7N NAP I . -6.61 20.46 -1.67
O7N NAP I . -5.40 20.71 -1.66
N7N NAP I . -7.49 21.43 -2.02
C4N NAP I . -6.05 18.20 -0.86
C5N NAP I . -6.43 16.89 -0.65
C6N NAP I . -7.71 16.40 -0.87
P2B NAP I . -20.44 24.85 0.03
O1X NAP I . -19.33 25.84 -0.29
O2X NAP I . -20.96 24.93 1.43
O3X NAP I . -21.64 24.92 -0.95
CAN 6JO J . -3.34 19.43 1.95
CAO 6JO J . -2.01 19.22 2.22
OAQ 6JO J . -1.46 17.93 2.13
CAP 6JO J . -1.22 20.33 2.55
CAK 6JO J . -1.72 21.63 2.64
CAL 6JO J . -3.05 21.83 2.38
CAM 6JO J . -3.86 20.74 2.00
CAJ 6JO J . -5.20 20.97 1.79
OAG 6JO J . -5.99 19.90 2.15
CAE 6JO J . -7.36 19.95 2.02
CAF 6JO J . -8.03 18.75 2.26
CAA 6JO J . -9.42 18.70 2.15
CAB 6JO J . -10.16 19.83 1.73
OAT 6JO J . -11.55 19.65 1.67
CAC 6JO J . -9.45 20.98 1.38
CAD 6JO J . -8.05 21.06 1.54
CAH 6JO J . -7.28 22.22 1.24
OAS 6JO J . -7.80 23.26 0.84
CAI 6JO J . -5.88 22.11 1.27
OAR 6JO J . -5.17 23.15 0.72
PA NAP K . 25.26 -2.11 7.54
O1A NAP K . 26.15 -1.97 8.77
O2A NAP K . 25.08 -1.02 6.53
O5B NAP K . 25.73 -3.45 6.79
C5B NAP K . 25.71 -4.71 7.46
C4B NAP K . 26.76 -5.64 6.85
O4B NAP K . 26.42 -5.96 5.47
C3B NAP K . 28.15 -4.99 6.76
O3B NAP K . 28.80 -4.88 8.05
C2B NAP K . 28.80 -5.92 5.75
O2B NAP K . 29.57 -6.92 6.38
C1B NAP K . 27.56 -6.55 4.99
N9A NAP K . 27.76 -6.37 3.54
C8A NAP K . 27.83 -5.21 2.85
N7A NAP K . 28.19 -5.37 1.58
C5A NAP K . 28.42 -6.74 1.44
C6A NAP K . 28.88 -7.63 0.30
N6A NAP K . 29.10 -7.18 -0.95
N1A NAP K . 29.08 -8.89 0.65
C2A NAP K . 28.73 -9.39 1.86
N3A NAP K . 28.30 -8.69 2.99
C4A NAP K . 28.18 -7.37 2.74
O3 NAP K . 23.79 -2.58 8.03
PN NAP K . 22.99 -2.05 9.34
O1N NAP K . 23.43 -2.81 10.50
O2N NAP K . 23.05 -0.52 9.26
O5D NAP K . 21.51 -2.51 8.76
C5D NAP K . 21.23 -3.97 8.82
C4D NAP K . 20.00 -4.17 7.93
O4D NAP K . 18.92 -3.14 8.18
C3D NAP K . 20.34 -3.92 6.46
O3D NAP K . 19.67 -4.84 5.60
C2D NAP K . 19.89 -2.51 6.09
O2D NAP K . 19.56 -2.24 4.68
C1D NAP K . 18.63 -2.43 6.98
N1N NAP K . 18.33 -1.02 7.36
C2N NAP K . 19.10 -0.37 8.30
C3N NAP K . 18.84 0.92 8.66
C7N NAP K . 19.64 1.68 9.66
O7N NAP K . 19.10 2.68 10.12
N7N NAP K . 20.90 1.36 10.06
C4N NAP K . 17.74 1.51 8.02
C5N NAP K . 16.99 0.87 7.01
C6N NAP K . 17.29 -0.41 6.72
P2B NAP K . 31.21 -6.94 6.59
O1X NAP K . 31.34 -5.74 7.56
O2X NAP K . 31.90 -6.77 5.27
O3X NAP K . 31.55 -8.28 7.10
C ACT L . 34.92 -20.85 14.09
O ACT L . 34.16 -20.65 12.97
OXT ACT L . 35.03 -22.17 14.77
CH3 ACT L . 35.43 -19.49 14.84
PA NAP M . -16.59 -10.89 17.13
O1A NAP M . -16.74 -12.18 17.88
O2A NAP M . -17.27 -10.70 15.80
O5B NAP M . -17.01 -9.60 17.96
C5B NAP M . -16.34 -9.32 19.21
C4B NAP M . -17.33 -8.65 20.15
O4B NAP M . -17.68 -7.34 19.68
C3B NAP M . -18.68 -9.35 20.34
O3B NAP M . -18.56 -10.54 21.18
C2B NAP M . -19.53 -8.19 20.90
O2B NAP M . -19.63 -8.23 22.32
C1B NAP M . -18.73 -6.90 20.53
N9A NAP M . -19.57 -5.98 19.79
C8A NAP M . -20.29 -6.16 18.67
N7A NAP M . -21.14 -5.18 18.46
C5A NAP M . -20.98 -4.30 19.52
C6A NAP M . -21.62 -3.09 19.98
N6A NAP M . -22.59 -2.51 19.25
N1A NAP M . -21.25 -2.57 21.08
C2A NAP M . -20.29 -3.14 21.78
N3A NAP M . -19.58 -4.26 21.49
C4A NAP M . -20.00 -4.86 20.40
O3 NAP M . -14.99 -10.63 16.96
PN NAP M . -13.84 -11.67 16.73
O1N NAP M . -13.43 -12.23 18.03
O2N NAP M . -14.23 -12.56 15.61
O5D NAP M . -12.73 -10.69 16.11
C5D NAP M . -11.97 -9.85 17.02
C4D NAP M . -11.55 -8.67 16.21
O4D NAP M . -10.71 -9.06 15.08
C3D NAP M . -12.61 -7.77 15.65
O3D NAP M . -12.23 -6.38 15.65
C2D NAP M . -12.72 -8.19 14.24
O2D NAP M . -13.23 -7.21 13.29
C1D NAP M . -11.27 -8.55 13.91
N1N NAP M . -11.19 -9.61 12.87
C2N NAP M . -11.54 -10.91 13.13
C3N NAP M . -11.49 -11.84 12.17
C7N NAP M . -11.88 -13.28 12.38
O7N NAP M . -11.57 -14.10 11.52
N7N NAP M . -12.52 -13.62 13.52
C4N NAP M . -11.08 -11.53 10.83
C5N NAP M . -10.72 -10.19 10.61
C6N NAP M . -10.77 -9.25 11.61
P2B NAP M . -20.87 -9.00 23.12
O1X NAP M . -20.72 -10.42 22.69
O2X NAP M . -22.16 -8.38 22.68
O3X NAP M . -20.57 -8.67 24.54
CAN 6JO N . -12.88 -12.95 7.43
CAO 6JO N . -12.45 -13.35 6.16
OAQ 6JO N . -11.55 -12.57 5.37
CAP 6JO N . -12.92 -14.59 5.67
CAK 6JO N . -13.80 -15.39 6.42
CAL 6JO N . -14.21 -14.97 7.67
CAM 6JO N . -13.73 -13.73 8.19
CAJ 6JO N . -14.19 -13.26 9.42
OAG 6JO N . -14.26 -11.88 9.49
CAE 6JO N . -14.68 -11.26 10.61
CAF 6JO N . -14.58 -9.87 10.67
CAA 6JO N . -14.99 -9.19 11.77
CAB 6JO N . -15.58 -9.81 12.89
OAT 6JO N . -15.99 -9.00 13.91
CAC 6JO N . -15.57 -11.21 12.89
CAD 6JO N . -15.23 -11.90 11.71
CAH 6JO N . -15.25 -13.31 11.65
OAS 6JO N . -15.71 -13.94 12.62
CAI 6JO N . -14.74 -13.94 10.51
OAR 6JO N . -14.42 -15.25 10.64
#